data_8Q7J
#
_entry.id   8Q7J
#
_entity_poly.entity_id   1
_entity_poly.type   'polypeptide(L)'
_entity_poly.pdbx_seq_one_letter_code
;(BMT)(ABA)(SAR)(MLE)V(MLE)A(DAL)(MLE)(MLE)(MVA)
;
_entity_poly.pdbx_strand_id   Z
#
# COMPACT_ATOMS: atom_id res chain seq x y z
N BMT A 1 0.42 -0.42 -2.91
CN BMT A 1 0.94 -1.12 -4.12
CA BMT A 1 1.40 0.50 -2.23
C BMT A 1 1.45 2.00 -2.60
O BMT A 1 1.44 2.37 -3.77
CB BMT A 1 2.85 0.02 -1.98
OG1 BMT A 1 3.60 -0.33 -3.13
CG2 BMT A 1 2.91 -1.06 -0.87
CD1 BMT A 1 4.30 -1.11 -0.24
CD2 BMT A 1 2.36 -2.43 -1.20
CE BMT A 1 3.21 -3.26 -2.15
CZ BMT A 1 3.85 -4.36 -1.69
CH BMT A 1 4.72 -5.20 -2.62
HN1 BMT A 1 0.15 -1.34 -4.82
HN2 BMT A 1 1.68 -0.49 -4.64
HN3 BMT A 1 1.43 -2.05 -3.81
HA BMT A 1 1.05 0.52 -1.19
HB BMT A 1 3.36 0.87 -1.53
HG1 BMT A 1 4.53 -0.40 -2.89
HG2 BMT A 1 2.28 -0.69 -0.05
HD11 BMT A 1 4.32 -1.87 0.54
HD12 BMT A 1 5.06 -1.35 -1.00
HD13 BMT A 1 4.50 -0.14 0.21
HD22 BMT A 1 1.33 -2.35 -1.58
HD23 BMT A 1 2.24 -2.95 -0.25
HE BMT A 1 3.32 -2.97 -3.18
HZ BMT A 1 3.76 -4.66 -0.66
HH1 BMT A 1 4.73 -4.76 -3.61
HH2 BMT A 1 5.72 -5.25 -2.22
HH3 BMT A 1 4.32 -6.21 -2.68
N ABA A 2 1.52 2.87 -1.59
CA ABA A 2 1.77 4.29 -1.72
C ABA A 2 3.24 4.53 -1.31
O ABA A 2 3.54 4.62 -0.12
CB ABA A 2 0.73 5.01 -0.82
CG ABA A 2 0.88 6.53 -0.90
H ABA A 2 1.41 2.53 -0.65
HA ABA A 2 1.65 4.62 -2.76
HB3 ABA A 2 0.88 4.71 0.21
HB2 ABA A 2 -0.30 4.74 -1.07
HG1 ABA A 2 0.13 7.02 -0.28
HG3 ABA A 2 1.88 6.80 -0.55
HG2 ABA A 2 0.77 6.86 -1.94
N SAR A 3 4.27 4.63 -2.25
CA SAR A 3 5.69 4.51 -1.78
C SAR A 3 6.04 3.29 -0.91
O SAR A 3 5.92 2.17 -1.41
CN SAR A 3 4.13 4.37 -3.71
HA2 SAR A 3 5.93 5.42 -1.23
HA3 SAR A 3 6.39 4.51 -2.63
HN1 SAR A 3 4.99 4.78 -4.25
HN2 SAR A 3 3.24 4.86 -4.09
HN3 SAR A 3 4.07 3.30 -3.88
N MLE A 4 6.47 3.39 0.41
CN MLE A 4 6.58 4.67 1.16
CA MLE A 4 6.42 2.21 1.35
CB MLE A 4 7.81 1.93 1.98
CG MLE A 4 8.96 1.73 0.96
CD1 MLE A 4 10.29 1.62 1.72
CD2 MLE A 4 8.78 0.50 0.07
C MLE A 4 5.24 2.11 2.35
O MLE A 4 5.44 1.68 3.50
HN1 MLE A 4 7.09 5.43 0.55
HN2 MLE A 4 7.14 4.57 2.08
HN3 MLE A 4 5.58 5.04 1.41
HA MLE A 4 6.23 1.33 0.73
HB2 MLE A 4 7.74 1.01 2.57
HB3 MLE A 4 8.11 2.71 2.67
HG MLE A 4 9.02 2.62 0.32
HD11 MLE A 4 10.46 2.49 2.34
HD12 MLE A 4 11.11 1.53 1.00
HD13 MLE A 4 10.29 0.72 2.34
HD21 MLE A 4 7.90 0.61 -0.56
HD22 MLE A 4 8.66 -0.40 0.69
HD23 MLE A 4 9.65 0.38 -0.58
N VAL A 5 4.00 2.48 1.96
CA VAL A 5 2.79 2.36 2.77
C VAL A 5 1.83 1.36 2.10
N MLE A 6 1.26 0.30 2.78
CN MLE A 6 1.43 0.20 4.26
CA MLE A 6 0.15 -0.51 2.16
CB MLE A 6 0.03 -1.99 2.65
CG MLE A 6 1.13 -3.07 2.55
CD1 MLE A 6 2.56 -2.60 2.84
CD2 MLE A 6 0.80 -4.25 3.47
C MLE A 6 -1.28 0.08 2.32
O MLE A 6 -1.79 0.18 3.44
HN1 MLE A 6 2.49 0.11 4.51
HN2 MLE A 6 0.91 -0.64 4.71
HN3 MLE A 6 1.05 1.12 4.72
HA MLE A 6 0.36 -0.50 1.09
HB2 MLE A 6 -0.86 -2.44 2.19
HB3 MLE A 6 -0.25 -1.97 3.71
HG MLE A 6 1.08 -3.47 1.53
HD11 MLE A 6 2.81 -1.75 2.22
HD12 MLE A 6 3.26 -3.40 2.65
HD13 MLE A 6 2.65 -2.30 3.89
HD21 MLE A 6 -0.21 -4.62 3.26
HD22 MLE A 6 0.84 -3.94 4.51
HD23 MLE A 6 1.50 -5.07 3.32
N ALA A 7 -1.95 0.47 1.22
CA ALA A 7 -3.28 1.09 1.26
C ALA A 7 -4.41 0.06 1.52
N DAL A 8 -4.09 -1.06 2.16
CA DAL A 8 -4.99 -2.19 2.46
CB DAL A 8 -5.13 -2.30 3.98
C DAL A 8 -4.55 -3.54 1.84
O DAL A 8 -3.36 -3.89 1.88
H DAL A 8 -3.13 -1.15 2.47
HA DAL A 8 -5.97 -1.95 2.06
HB1 DAL A 8 -4.16 -2.53 4.43
HB2 DAL A 8 -5.84 -3.09 4.23
HB3 DAL A 8 -5.51 -1.36 4.39
N MLE A 9 -5.46 -4.39 1.24
CN MLE A 9 -6.90 -4.10 1.08
CA MLE A 9 -5.12 -5.71 0.60
CB MLE A 9 -5.66 -6.85 1.49
CG MLE A 9 -5.17 -8.26 1.14
CD1 MLE A 9 -3.70 -8.48 1.52
CD2 MLE A 9 -6.02 -9.31 1.87
C MLE A 9 -5.44 -5.92 -0.91
O MLE A 9 -6.51 -6.46 -1.25
HN1 MLE A 9 -7.45 -4.95 0.66
HN2 MLE A 9 -7.04 -3.25 0.42
HN3 MLE A 9 -7.34 -3.87 2.05
HA MLE A 9 -4.04 -5.84 0.64
HB2 MLE A 9 -6.75 -6.85 1.42
HB3 MLE A 9 -5.41 -6.63 2.54
HG MLE A 9 -5.31 -8.40 0.08
HD11 MLE A 9 -3.39 -9.49 1.24
HD12 MLE A 9 -3.57 -8.36 2.59
HD13 MLE A 9 -3.06 -7.77 1.01
HD21 MLE A 9 -5.69 -10.32 1.60
HD22 MLE A 9 -7.07 -9.20 1.58
HD23 MLE A 9 -5.94 -9.20 2.94
N MLE A 10 -4.57 -5.52 -1.92
CN MLE A 10 -4.82 -5.80 -3.35
CA MLE A 10 -3.18 -5.00 -1.66
CB MLE A 10 -2.24 -6.24 -1.52
CG MLE A 10 -0.94 -6.19 -0.69
CD1 MLE A 10 0.01 -7.28 -1.21
CD2 MLE A 10 -0.20 -4.85 -0.75
C MLE A 10 -2.55 -3.88 -2.57
O MLE A 10 -1.94 -4.20 -3.59
HN1 MLE A 10 -4.38 -6.77 -3.62
HN2 MLE A 10 -4.39 -5.03 -3.99
HN3 MLE A 10 -5.88 -5.83 -3.57
HA MLE A 10 -3.24 -4.49 -0.70
HB2 MLE A 10 -1.99 -6.50 -2.55
HB3 MLE A 10 -2.80 -7.11 -1.17
HG MLE A 10 -1.11 -6.45 0.35
HD11 MLE A 10 0.91 -7.34 -0.58
HD12 MLE A 10 0.30 -7.09 -2.24
HD13 MLE A 10 -0.48 -8.27 -1.15
HD21 MLE A 10 -0.82 -4.06 -0.30
HD22 MLE A 10 0.04 -4.58 -1.78
HD23 MLE A 10 0.73 -4.92 -0.18
N MVA A 11 -2.64 -2.53 -2.25
CN MVA A 11 -3.30 -2.02 -1.03
CA MVA A 11 -1.99 -1.44 -3.06
CB MVA A 11 -3.03 -0.45 -3.69
CG1 MVA A 11 -2.46 0.16 -4.98
CG2 MVA A 11 -4.40 -1.08 -4.01
C MVA A 11 -0.88 -0.56 -2.43
O MVA A 11 -1.15 0.08 -1.41
HN1 MVA A 11 -4.24 -2.56 -0.85
HN2 MVA A 11 -2.64 -2.18 -0.17
HN3 MVA A 11 -3.53 -0.95 -1.09
HA MVA A 11 -1.52 -1.93 -3.91
HB MVA A 11 -3.19 0.36 -2.98
HG11 MVA A 11 -2.26 -0.62 -5.71
HG12 MVA A 11 -3.19 0.86 -5.41
HG13 MVA A 11 -1.55 0.72 -4.76
HG21 MVA A 11 -5.02 -0.36 -4.54
HG22 MVA A 11 -4.28 -1.98 -4.61
HG23 MVA A 11 -4.92 -1.35 -3.08
N BMT A 1 0.51 -0.41 -2.84
CN BMT A 1 1.08 -1.08 -4.04
CA BMT A 1 1.43 0.53 -2.11
C BMT A 1 1.47 2.03 -2.44
O BMT A 1 1.44 2.43 -3.61
CB BMT A 1 2.88 0.08 -1.77
OG1 BMT A 1 3.72 -0.18 -2.88
CG2 BMT A 1 2.88 -1.04 -0.70
CD1 BMT A 1 4.21 -1.12 0.04
CD2 BMT A 1 2.39 -2.41 -1.16
CE BMT A 1 3.26 -3.12 -2.18
CZ BMT A 1 3.93 -4.25 -1.85
CH BMT A 1 4.79 -4.96 -2.87
HN1 BMT A 1 0.34 -1.15 -4.83
HN2 BMT A 1 1.92 -0.52 -4.43
HN3 BMT A 1 1.40 -2.09 -3.76
HA BMT A 1 1.03 0.50 -1.09
HB BMT A 1 3.32 0.92 -1.26
HG1 BMT A 1 4.63 -0.17 -2.58
HG2 BMT A 1 2.17 -0.74 0.08
HD11 BMT A 1 4.39 -0.14 0.48
HD12 BMT A 1 4.12 -1.83 0.85
HD13 BMT A 1 5.02 -1.40 -0.63
HD22 BMT A 1 1.35 -2.33 -1.47
HD23 BMT A 1 2.36 -3.01 -0.25
HE BMT A 1 3.35 -2.71 -3.18
HZ BMT A 1 3.86 -4.65 -0.85
HH1 BMT A 1 5.81 -5.04 -2.49
HH2 BMT A 1 4.41 -5.98 -3.03
HH3 BMT A 1 4.79 -4.44 -3.83
N ABA A 2 1.54 2.89 -1.42
CA ABA A 2 1.84 4.32 -1.54
C ABA A 2 3.34 4.53 -1.20
O ABA A 2 3.68 4.63 -0.02
CB ABA A 2 0.89 5.18 -0.70
CG ABA A 2 -0.60 4.84 -0.91
H ABA A 2 1.40 2.51 -0.50
HA ABA A 2 1.67 4.65 -2.56
HB3 ABA A 2 1.04 6.22 -0.96
HB2 ABA A 2 1.13 5.10 0.36
HG1 ABA A 2 -1.22 5.56 -0.37
HG3 ABA A 2 -0.85 4.89 -1.98
HG2 ABA A 2 -0.82 3.84 -0.54
N SAR A 3 4.34 4.58 -2.17
CA SAR A 3 5.76 4.40 -1.75
C SAR A 3 6.08 3.14 -0.91
O SAR A 3 5.91 2.04 -1.43
CN SAR A 3 4.14 4.29 -3.61
HA2 SAR A 3 6.06 5.28 -1.17
HA3 SAR A 3 6.42 4.39 -2.61
HN1 SAR A 3 4.07 3.21 -3.76
HN2 SAR A 3 4.96 4.69 -4.20
HN3 SAR A 3 3.21 4.76 -3.97
N MLE A 4 6.53 3.21 0.40
CN MLE A 4 6.73 4.46 1.17
CA MLE A 4 6.48 2.01 1.29
CB MLE A 4 7.87 1.69 1.95
CG MLE A 4 9.08 1.41 1.02
CD1 MLE A 4 8.81 0.26 0.03
CD2 MLE A 4 9.61 2.64 0.28
C MLE A 4 5.29 1.89 2.30
O MLE A 4 5.47 1.37 3.41
HN1 MLE A 4 7.23 5.21 0.56
HN2 MLE A 4 7.36 4.30 2.05
HN3 MLE A 4 5.76 4.84 1.50
HA MLE A 4 6.31 1.14 0.65
HB2 MLE A 4 7.74 0.77 2.54
HB3 MLE A 4 8.17 2.45 2.67
HG MLE A 4 9.89 1.07 1.69
HD11 MLE A 4 9.74 0.00 -0.48
HD12 MLE A 4 8.07 0.57 -0.71
HD13 MLE A 4 8.45 -0.61 0.56
HD21 MLE A 4 8.94 2.93 -0.52
HD22 MLE A 4 10.59 2.40 -0.14
HD23 MLE A 4 9.74 3.47 0.98
N VAL A 5 4.07 2.36 1.94
CA VAL A 5 2.89 2.29 2.80
C VAL A 5 1.81 1.38 2.19
N MLE A 6 1.10 0.44 2.92
CN MLE A 6 1.21 0.34 4.40
CA MLE A 6 -0.05 -0.32 2.31
CB MLE A 6 -0.36 -1.68 3.04
CG MLE A 6 0.68 -2.82 3.04
CD1 MLE A 6 0.39 -3.78 4.18
CD2 MLE A 6 0.61 -3.56 1.72
C MLE A 6 -1.44 0.37 2.31
O MLE A 6 -1.95 0.71 3.39
HN1 MLE A 6 0.23 0.30 4.86
HN2 MLE A 6 1.68 1.23 4.82
HN3 MLE A 6 1.79 -0.54 4.68
HA MLE A 6 0.20 -0.50 1.27
HB2 MLE A 6 -1.28 -2.12 2.64
HB3 MLE A 6 -0.60 -1.47 4.07
HG MLE A 6 1.68 -2.41 3.20
HD11 MLE A 6 1.09 -4.62 4.16
HD12 MLE A 6 -0.63 -4.17 4.11
HD13 MLE A 6 0.50 -3.27 5.14
HD21 MLE A 6 0.59 -2.85 0.89
HD22 MLE A 6 -0.30 -4.17 1.68
HD23 MLE A 6 1.48 -4.23 1.62
N ALA A 7 -2.07 0.60 1.15
CA ALA A 7 -3.47 1.06 1.10
C ALA A 7 -4.46 -0.11 1.40
N DAL A 8 -4.02 -1.07 2.21
CA DAL A 8 -4.77 -2.27 2.62
CB DAL A 8 -4.54 -2.43 4.11
C DAL A 8 -4.38 -3.58 1.86
O DAL A 8 -3.19 -3.93 1.80
H DAL A 8 -3.10 -0.97 2.60
HA DAL A 8 -5.83 -2.10 2.46
HB1 DAL A 8 -4.91 -1.56 4.65
HB2 DAL A 8 -3.48 -2.57 4.31
HB3 DAL A 8 -5.08 -3.32 4.47
N MLE A 9 -5.33 -4.38 1.22
CN MLE A 9 -6.77 -4.06 1.15
CA MLE A 9 -5.02 -5.66 0.48
CB MLE A 9 -5.59 -6.85 1.31
CG MLE A 9 -4.59 -7.54 2.27
CD1 MLE A 9 -5.35 -8.55 3.14
CD2 MLE A 9 -3.46 -8.28 1.52
C MLE A 9 -5.40 -5.77 -1.02
O MLE A 9 -6.54 -6.15 -1.34
HN1 MLE A 9 -6.92 -3.19 0.51
HN2 MLE A 9 -7.16 -3.86 2.15
HN3 MLE A 9 -7.33 -4.89 0.73
HA MLE A 9 -3.94 -5.79 0.46
HB2 MLE A 9 -6.04 -7.59 0.65
HB3 MLE A 9 -6.43 -6.50 1.93
HG MLE A 9 -4.15 -6.79 2.93
HD11 MLE A 9 -5.82 -9.32 2.53
HD12 MLE A 9 -6.12 -8.04 3.73
HD13 MLE A 9 -4.65 -9.04 3.84
HD21 MLE A 9 -2.87 -8.85 2.23
HD22 MLE A 9 -2.79 -7.57 1.02
HD23 MLE A 9 -3.88 -8.97 0.79
N MLE A 10 -4.51 -5.48 -2.05
CN MLE A 10 -4.86 -5.55 -3.49
CA MLE A 10 -3.11 -4.99 -1.83
CB MLE A 10 -2.20 -6.28 -1.73
CG MLE A 10 -0.83 -6.28 -1.00
CD1 MLE A 10 -0.05 -7.54 -1.44
CD2 MLE A 10 0.05 -5.07 -1.28
C MLE A 10 -2.48 -3.88 -2.73
O MLE A 10 -1.89 -4.18 -3.77
HN1 MLE A 10 -5.68 -6.26 -3.66
HN2 MLE A 10 -4.01 -5.90 -4.07
HN3 MLE A 10 -5.17 -4.57 -3.84
HA MLE A 10 -3.12 -4.49 -0.87
HB2 MLE A 10 -2.03 -6.56 -2.78
HB3 MLE A 10 -2.78 -7.11 -1.34
HG MLE A 10 -0.96 -6.38 0.08
HD11 MLE A 10 0.89 -7.59 -0.91
HD12 MLE A 10 0.13 -7.52 -2.51
HD13 MLE A 10 -0.63 -8.44 -1.20
HD21 MLE A 10 0.25 -4.97 -2.35
HD22 MLE A 10 1.01 -5.18 -0.76
HD23 MLE A 10 -0.44 -4.15 -0.93
N MVA A 11 -2.56 -2.54 -2.38
CN MVA A 11 -3.24 -2.06 -1.14
CA MVA A 11 -1.89 -1.43 -3.14
CB MVA A 11 -2.90 -0.46 -3.82
CG1 MVA A 11 -2.28 0.14 -5.10
CG2 MVA A 11 -4.26 -1.07 -4.17
C MVA A 11 -0.82 -0.54 -2.43
O MVA A 11 -1.17 0.10 -1.44
HN1 MVA A 11 -2.59 -2.21 -0.29
HN2 MVA A 11 -3.50 -1.00 -1.22
HN3 MVA A 11 -4.16 -2.62 -0.97
HA MVA A 11 -1.37 -1.92 -3.97
HB MVA A 11 -3.07 0.37 -3.13
HG11 MVA A 11 -2.05 -0.64 -5.81
HG12 MVA A 11 -3.00 0.84 -5.54
HG13 MVA A 11 -1.37 0.70 -4.85
HG21 MVA A 11 -4.88 -0.35 -4.70
HG22 MVA A 11 -4.13 -1.97 -4.77
HG23 MVA A 11 -4.79 -1.33 -3.24
N BMT A 1 0.47 -0.43 -2.90
CN BMT A 1 0.97 -1.04 -4.15
CA BMT A 1 1.46 0.47 -2.19
C BMT A 1 1.59 1.97 -2.56
O BMT A 1 1.61 2.33 -3.74
CB BMT A 1 2.90 -0.08 -1.95
OG1 BMT A 1 3.64 -0.47 -3.09
CG2 BMT A 1 2.89 -1.19 -0.86
CD1 BMT A 1 4.28 -1.33 -0.23
CD2 BMT A 1 2.26 -2.51 -1.24
CE BMT A 1 3.06 -3.37 -2.22
CZ BMT A 1 2.44 -4.17 -3.11
CH BMT A 1 3.23 -5.02 -4.08
HN1 BMT A 1 1.67 -0.36 -4.65
HN2 BMT A 1 1.48 -1.96 -3.88
HN3 BMT A 1 0.17 -1.24 -4.86
HA BMT A 1 1.12 0.49 -1.16
HB BMT A 1 3.44 0.73 -1.48
HG1 BMT A 1 3.37 -1.36 -3.34
HG2 BMT A 1 2.28 -0.82 -0.04
HD11 BMT A 1 4.51 -0.39 0.28
HD12 BMT A 1 4.27 -2.13 0.51
HD13 BMT A 1 5.03 -1.53 -1.00
HD22 BMT A 1 1.23 -2.37 -1.55
HD23 BMT A 1 2.16 -3.07 -0.31
HE BMT A 1 4.14 -3.34 -2.19
HZ BMT A 1 1.35 -4.21 -3.15
HH1 BMT A 1 2.99 -6.06 -3.92
HH2 BMT A 1 2.94 -4.75 -5.11
HH3 BMT A 1 4.30 -4.87 -3.95
N ABA A 2 1.68 2.83 -1.54
CA ABA A 2 1.98 4.27 -1.69
C ABA A 2 3.45 4.50 -1.28
O ABA A 2 3.72 4.68 -0.09
CB ABA A 2 0.95 5.15 -0.96
CG ABA A 2 -0.50 4.84 -1.35
H ABA A 2 1.56 2.47 -0.62
HA ABA A 2 1.88 4.54 -2.75
HB3 ABA A 2 1.16 6.19 -1.22
HB2 ABA A 2 1.08 5.04 0.11
HG1 ABA A 2 -1.16 5.54 -0.84
HG3 ABA A 2 -0.65 4.94 -2.42
HG2 ABA A 2 -0.76 3.83 -1.03
N SAR A 3 4.50 4.51 -2.20
CA SAR A 3 5.90 4.38 -1.68
C SAR A 3 6.18 3.19 -0.74
O SAR A 3 6.04 2.05 -1.18
CN SAR A 3 4.38 4.17 -3.63
HA2 SAR A 3 6.15 5.30 -1.16
HA3 SAR A 3 6.62 4.29 -2.51
HN1 SAR A 3 3.50 4.65 -4.07
HN2 SAR A 3 4.31 3.09 -3.76
HN3 SAR A 3 5.25 4.53 -4.18
N MLE A 4 6.58 3.35 0.59
CN MLE A 4 6.72 4.66 1.28
CA MLE A 4 6.48 2.21 1.56
CB MLE A 4 7.84 1.96 2.32
CG MLE A 4 9.10 1.62 1.49
CD1 MLE A 4 8.90 0.40 0.57
CD2 MLE A 4 9.67 2.80 0.68
C MLE A 4 5.24 2.14 2.50
O MLE A 4 5.36 1.73 3.65
HN1 MLE A 4 7.29 4.56 2.20
HN2 MLE A 4 5.72 5.05 1.52
HN3 MLE A 4 7.24 5.37 0.65
HA MLE A 4 6.36 1.30 0.97
HB2 MLE A 4 7.68 1.10 2.97
HB3 MLE A 4 8.10 2.78 2.98
HG MLE A 4 9.87 1.36 2.21
HD11 MLE A 4 9.85 0.13 0.11
HD12 MLE A 4 8.19 0.64 -0.22
HD13 MLE A 4 8.53 -0.44 1.14
HD21 MLE A 4 9.74 3.69 1.31
HD22 MLE A 4 9.04 3.03 -0.18
HD23 MLE A 4 10.68 2.56 0.32
N VAL A 5 4.03 2.54 2.02
CA VAL A 5 2.78 2.45 2.77
C VAL A 5 1.87 1.41 2.12
N MLE A 6 1.22 0.44 2.86
CN MLE A 6 1.29 0.45 4.35
CA MLE A 6 0.20 -0.48 2.25
CB MLE A 6 0.20 -1.95 2.81
CG MLE A 6 1.38 -2.92 2.72
CD1 MLE A 6 2.77 -2.34 2.99
CD2 MLE A 6 1.16 -4.11 3.67
C MLE A 6 -1.27 0.01 2.38
O MLE A 6 -1.83 0.01 3.47
HN1 MLE A 6 2.28 0.13 4.68
HN2 MLE A 6 0.53 -0.17 4.83
HN3 MLE A 6 1.13 1.48 4.69
HA MLE A 6 0.41 -0.50 1.18
HB2 MLE A 6 -0.66 -2.48 2.40
HB3 MLE A 6 -0.02 -1.90 3.88
HG MLE A 6 1.35 -3.36 1.72
HD11 MLE A 6 2.97 -1.51 2.31
HD12 MLE A 6 3.53 -3.09 2.83
HD13 MLE A 6 2.83 -1.98 4.01
HD21 MLE A 6 1.93 -4.86 3.52
HD22 MLE A 6 0.18 -4.56 3.49
HD23 MLE A 6 1.20 -3.77 4.71
N ALA A 7 -1.91 0.43 1.28
CA ALA A 7 -3.28 0.99 1.31
C ALA A 7 -4.38 -0.09 1.50
N DAL A 8 -4.06 -1.22 2.11
CA DAL A 8 -4.96 -2.34 2.42
CB DAL A 8 -5.06 -2.47 3.94
C DAL A 8 -4.57 -3.69 1.78
O DAL A 8 -3.40 -4.11 1.86
H DAL A 8 -3.09 -1.30 2.40
HA DAL A 8 -5.95 -2.07 2.06
HB1 DAL A 8 -4.09 -2.75 4.36
HB2 DAL A 8 -5.79 -3.24 4.19
HB3 DAL A 8 -5.38 -1.53 4.38
N MLE A 9 -5.48 -4.48 1.08
CN MLE A 9 -6.90 -4.09 0.85
CA MLE A 9 -5.18 -5.78 0.39
CB MLE A 9 -5.85 -6.94 1.19
CG MLE A 9 -4.94 -7.66 2.22
CD1 MLE A 9 -5.81 -8.64 3.04
CD2 MLE A 9 -3.81 -8.45 1.56
C MLE A 9 -5.45 -5.91 -1.14
O MLE A 9 -6.52 -6.30 -1.56
HN1 MLE A 9 -7.47 -4.94 0.48
HN2 MLE A 9 -6.94 -3.28 0.10
HN3 MLE A 9 -7.36 -3.76 1.77
HA MLE A 9 -4.10 -5.94 0.45
HB2 MLE A 9 -6.27 -7.66 0.49
HB3 MLE A 9 -6.71 -6.54 1.73
HG MLE A 9 -4.53 -6.93 2.91
HD11 MLE A 9 -5.19 -9.13 3.78
HD12 MLE A 9 -6.25 -9.39 2.39
HD13 MLE A 9 -6.60 -8.09 3.54
HD21 MLE A 9 -3.25 -9.00 2.32
HD22 MLE A 9 -3.10 -7.77 1.08
HD23 MLE A 9 -4.19 -9.15 0.82
N MLE A 10 -4.47 -5.56 -2.08
CN MLE A 10 -4.68 -5.65 -3.54
CA MLE A 10 -3.11 -5.03 -1.74
CB MLE A 10 -2.16 -6.26 -1.56
CG MLE A 10 -0.93 -6.20 -0.61
CD1 MLE A 10 0.22 -7.03 -1.20
CD2 MLE A 10 -0.40 -4.79 -0.33
C MLE A 10 -2.44 -3.90 -2.60
O MLE A 10 -1.78 -4.19 -3.61
HN1 MLE A 10 -4.99 -4.68 -3.94
HN2 MLE A 10 -5.45 -6.36 -3.79
HN3 MLE A 10 -3.78 -5.97 -4.05
HA MLE A 10 -3.22 -4.53 -0.78
HB2 MLE A 10 -1.82 -6.50 -2.57
HB3 MLE A 10 -2.73 -7.15 -1.28
HG MLE A 10 -1.17 -6.67 0.34
HD11 MLE A 10 0.56 -6.60 -2.14
HD12 MLE A 10 -0.11 -8.05 -1.38
HD13 MLE A 10 1.07 -7.05 -0.51
HD21 MLE A 10 0.48 -4.84 0.31
HD22 MLE A 10 -1.16 -4.19 0.20
HD23 MLE A 10 -0.13 -4.30 -1.26
N MVA A 11 -2.59 -2.55 -2.30
CN MVA A 11 -3.28 -2.08 -1.06
CA MVA A 11 -1.94 -1.42 -3.05
CB MVA A 11 -2.96 -0.41 -3.65
CG1 MVA A 11 -2.40 0.24 -4.94
CG2 MVA A 11 -4.34 -1.01 -3.96
C MVA A 11 -0.81 -0.58 -2.38
O MVA A 11 -1.07 -0.01 -1.32
HN1 MVA A 11 -3.51 -1.02 -1.11
HN2 MVA A 11 -4.23 -2.61 -0.94
HN3 MVA A 11 -2.66 -2.24 -0.20
HA MVA A 11 -1.49 -1.90 -3.93
HB MVA A 11 -3.10 0.40 -2.93
HG11 MVA A 11 -1.47 0.75 -4.72
HG12 MVA A 11 -2.24 -0.52 -5.69
HG13 MVA A 11 -3.11 0.97 -5.32
HG21 MVA A 11 -4.24 -1.90 -4.59
HG22 MVA A 11 -4.85 -1.27 -3.03
HG23 MVA A 11 -4.96 -0.27 -4.48
N BMT A 1 0.37 -0.36 -2.89
CN BMT A 1 0.87 -1.02 -4.12
CA BMT A 1 1.38 0.54 -2.20
C BMT A 1 1.47 2.03 -2.56
O BMT A 1 1.44 2.41 -3.73
CB BMT A 1 2.81 0.00 -1.98
OG1 BMT A 1 3.56 -0.32 -3.15
CG2 BMT A 1 2.86 -1.10 -0.91
CD1 BMT A 1 4.26 -1.24 -0.32
CD2 BMT A 1 2.22 -2.45 -1.27
CE BMT A 1 3.03 -3.30 -2.25
CZ BMT A 1 3.57 -4.47 -1.85
CH BMT A 1 4.36 -5.34 -2.82
HN1 BMT A 1 0.07 -1.16 -4.85
HN2 BMT A 1 1.63 -0.39 -4.60
HN3 BMT A 1 1.29 -1.98 -3.85
HA BMT A 1 1.04 0.54 -1.16
HB BMT A 1 3.34 0.83 -1.52
HG1 BMT A 1 4.48 -0.47 -2.90
HG2 BMT A 1 2.26 -0.75 -0.06
HD11 BMT A 1 4.26 -2.04 0.43
HD12 BMT A 1 4.98 -1.48 -1.10
HD13 BMT A 1 4.50 -0.30 0.17
HD22 BMT A 1 1.20 -2.30 -1.60
HD23 BMT A 1 2.12 -3.00 -0.33
HE BMT A 1 3.17 -2.97 -3.26
HZ BMT A 1 3.44 -4.82 -0.83
HH1 BMT A 1 4.42 -4.85 -3.80
HH2 BMT A 1 5.37 -5.49 -2.43
HH3 BMT A 1 3.88 -6.30 -2.92
N ABA A 2 1.59 2.89 -1.54
CA ABA A 2 1.91 4.31 -1.69
C ABA A 2 3.40 4.53 -1.31
O ABA A 2 3.69 4.67 -0.12
CB ABA A 2 0.92 5.21 -0.92
CG ABA A 2 -0.55 4.91 -1.23
H ABA A 2 1.48 2.52 -0.62
HA ABA A 2 1.77 4.60 -2.73
HB3 ABA A 2 1.14 6.24 -1.19
HB2 ABA A 2 1.09 5.11 0.15
HG1 ABA A 2 -1.18 5.61 -0.69
HG3 ABA A 2 -0.74 5.01 -2.30
HG2 ABA A 2 -0.81 3.90 -0.91
N SAR A 3 4.42 4.58 -2.25
CA SAR A 3 5.84 4.43 -1.79
C SAR A 3 6.14 3.22 -0.89
O SAR A 3 6.01 2.10 -1.37
CN SAR A 3 4.25 4.29 -3.70
HA2 SAR A 3 6.10 5.35 -1.24
HA3 SAR A 3 6.53 4.40 -2.63
HN1 SAR A 3 5.12 4.64 -4.27
HN2 SAR A 3 3.37 4.79 -4.09
HN3 SAR A 3 4.15 3.22 -3.84
N MLE A 4 6.55 3.34 0.44
CN MLE A 4 6.70 4.64 1.16
CA MLE A 4 6.45 2.18 1.39
CB MLE A 4 7.84 1.87 2.05
CG MLE A 4 9.01 1.66 1.06
CD1 MLE A 4 10.33 1.55 1.83
CD2 MLE A 4 8.82 0.40 0.19
C MLE A 4 5.26 2.13 2.39
O MLE A 4 5.43 1.73 3.54
HN1 MLE A 4 5.71 5.05 1.37
HN2 MLE A 4 7.27 5.33 0.55
HN3 MLE A 4 7.23 4.51 2.11
HA MLE A 4 6.26 1.30 0.78
HB2 MLE A 4 7.74 0.96 2.64
HB3 MLE A 4 8.13 2.65 2.74
HG MLE A 4 9.08 2.53 0.40
HD11 MLE A 4 10.30 0.70 2.50
HD12 MLE A 4 10.52 2.46 2.40
HD13 MLE A 4 11.16 1.41 1.13
HD21 MLE A 4 7.95 0.49 -0.44
HD22 MLE A 4 8.71 -0.48 0.84
HD23 MLE A 4 9.70 0.26 -0.44
N VAL A 5 4.04 2.53 1.96
CA VAL A 5 2.81 2.45 2.76
C VAL A 5 1.87 1.41 2.12
N MLE A 6 1.22 0.43 2.85
CN MLE A 6 1.31 0.41 4.33
CA MLE A 6 0.19 -0.48 2.23
CB MLE A 6 0.22 -1.96 2.77
CG MLE A 6 1.41 -2.92 2.66
CD1 MLE A 6 2.80 -2.31 2.89
CD2 MLE A 6 1.23 -4.10 3.62
C MLE A 6 -1.28 -0.01 2.38
O MLE A 6 -1.83 -0.06 3.48
HN1 MLE A 6 2.27 0.00 4.65
HN2 MLE A 6 0.50 -0.15 4.80
HN3 MLE A 6 1.24 1.43 4.70
HA MLE A 6 0.38 -0.48 1.16
HB2 MLE A 6 -0.64 -2.49 2.36
HB3 MLE A 6 0.00 -1.92 3.84
HG MLE A 6 1.37 -3.36 1.65
HD11 MLE A 6 2.96 -1.45 2.25
HD12 MLE A 6 3.57 -3.05 2.68
HD13 MLE A 6 2.89 -2.00 3.94
HD21 MLE A 6 2.00 -4.86 3.43
HD22 MLE A 6 0.26 -4.57 3.44
HD23 MLE A 6 1.29 -3.77 4.65
N ALA A 7 -1.94 0.44 1.31
CA ALA A 7 -3.30 1.00 1.37
C ALA A 7 -4.42 -0.07 1.58
N DAL A 8 -4.07 -1.24 2.11
CA DAL A 8 -4.99 -2.37 2.36
CB DAL A 8 -5.23 -2.53 3.87
C DAL A 8 -4.58 -3.72 1.72
O DAL A 8 -3.40 -4.10 1.78
H DAL A 8 -3.09 -1.34 2.36
HA DAL A 8 -5.96 -2.09 1.94
HB1 DAL A 8 -6.07 -3.22 4.03
HB2 DAL A 8 -5.49 -1.57 4.32
HB3 DAL A 8 -4.35 -2.95 4.36
N MLE A 9 -5.50 -4.52 1.05
CN MLE A 9 -6.93 -4.17 0.85
CA MLE A 9 -5.18 -5.81 0.35
CB MLE A 9 -5.81 -6.98 1.16
CG MLE A 9 -4.87 -7.70 2.15
CD1 MLE A 9 -5.71 -8.67 3.00
CD2 MLE A 9 -3.73 -8.48 1.47
C MLE A 9 -5.47 -5.93 -1.19
O MLE A 9 -6.55 -6.37 -1.58
HN1 MLE A 9 -7.00 -3.35 0.12
HN2 MLE A 9 -7.36 -3.86 1.80
HN3 MLE A 9 -7.48 -5.02 0.48
HA MLE A 9 -4.10 -5.93 0.38
HB2 MLE A 9 -6.24 -7.71 0.48
HB3 MLE A 9 -6.65 -6.60 1.72
HG MLE A 9 -4.43 -6.98 2.84
HD11 MLE A 9 -5.06 -9.16 3.74
HD12 MLE A 9 -6.16 -9.43 2.37
HD13 MLE A 9 -6.49 -8.13 3.51
HD21 MLE A 9 -4.16 -9.20 0.76
HD22 MLE A 9 -3.15 -9.01 2.22
HD23 MLE A 9 -3.07 -7.79 0.94
N MLE A 10 -4.52 -5.54 -2.13
CN MLE A 10 -4.75 -5.62 -3.60
CA MLE A 10 -3.17 -4.98 -1.80
CB MLE A 10 -2.20 -6.20 -1.68
CG MLE A 10 -0.94 -6.13 -0.77
CD1 MLE A 10 0.16 -7.00 -1.37
CD2 MLE A 10 -0.39 -4.71 -0.54
C MLE A 10 -2.55 -3.82 -2.67
O MLE A 10 -1.92 -4.07 -3.69
HN1 MLE A 10 -5.01 -4.63 -3.99
HN2 MLE A 10 -5.56 -6.31 -3.83
HN3 MLE A 10 -3.85 -5.99 -4.11
HA MLE A 10 -3.28 -4.52 -0.83
HB2 MLE A 10 -1.88 -6.40 -2.70
HB3 MLE A 10 -2.74 -7.10 -1.40
HG MLE A 10 -1.17 -6.56 0.21
HD11 MLE A 10 1.02 -7.02 -0.69
HD12 MLE A 10 0.49 -6.60 -2.33
HD13 MLE A 10 -0.19 -8.02 -1.51
HD21 MLE A 10 -0.10 -4.27 -1.50
HD22 MLE A 10 0.49 -4.78 0.10
HD23 MLE A 10 -1.12 -4.09 -0.03
N MVA A 11 -2.69 -2.48 -2.29
CN MVA A 11 -3.36 -2.03 -1.04
CA MVA A 11 -2.05 -1.33 -3.04
CB MVA A 11 -3.08 -0.32 -3.61
CG1 MVA A 11 -2.54 0.35 -4.90
CG2 MVA A 11 -4.47 -0.90 -3.92
C MVA A 11 -0.92 -0.49 -2.39
O MVA A 11 -1.18 0.12 -1.35
HN1 MVA A 11 -3.61 -0.97 -1.07
HN2 MVA A 11 -4.29 -2.59 -0.91
HN3 MVA A 11 -2.71 -2.23 -0.19
HA MVA A 11 -1.60 -1.78 -3.93
HB MVA A 11 -3.21 0.47 -2.88
HG11 MVA A 11 -1.60 0.86 -4.70
HG12 MVA A 11 -2.39 -0.41 -5.68
HG13 MVA A 11 -3.26 1.08 -5.25
HG21 MVA A 11 -4.96 -1.17 -2.97
HG22 MVA A 11 -5.10 -0.14 -4.40
HG23 MVA A 11 -4.39 -1.78 -4.55
N BMT A 1 0.48 -0.44 -2.91
CN BMT A 1 1.04 -1.14 -4.09
CA BMT A 1 1.43 0.51 -2.20
C BMT A 1 1.47 2.00 -2.55
O BMT A 1 1.46 2.40 -3.71
CB BMT A 1 2.89 0.06 -1.90
OG1 BMT A 1 3.70 -0.26 -3.02
CG2 BMT A 1 2.93 -1.02 -0.79
CD1 BMT A 1 4.27 -1.06 -0.07
CD2 BMT A 1 2.45 -2.41 -1.19
CE BMT A 1 3.33 -3.17 -2.17
CZ BMT A 1 4.01 -4.26 -1.75
CH BMT A 1 4.90 -5.01 -2.74
HN1 BMT A 1 1.42 -2.12 -3.78
HN2 BMT A 1 0.28 -1.27 -4.86
HN3 BMT A 1 1.85 -0.56 -4.54
HA BMT A 1 1.05 0.50 -1.18
HB BMT A 1 3.35 0.92 -1.43
HG1 BMT A 1 4.61 -0.36 -2.73
HG2 BMT A 1 2.24 -0.70 -0.01
HD11 BMT A 1 4.49 -0.06 0.29
HD12 BMT A 1 4.17 -1.72 0.80
HD13 BMT A 1 5.06 -1.41 -0.73
HD22 BMT A 1 1.41 -2.35 -1.54
HD23 BMT A 1 2.39 -2.97 -0.26
HE BMT A 1 3.41 -2.83 -3.19
HZ BMT A 1 3.94 -4.60 -0.74
HH1 BMT A 1 4.89 -4.53 -3.72
HH2 BMT A 1 5.92 -5.03 -2.36
HH3 BMT A 1 4.55 -6.04 -2.83
N ABA A 2 1.53 2.85 -1.52
CA ABA A 2 1.80 4.29 -1.64
C ABA A 2 3.28 4.55 -1.23
O ABA A 2 3.57 4.64 -0.04
CB ABA A 2 0.79 5.14 -0.85
CG ABA A 2 -0.66 4.82 -1.20
H ABA A 2 1.40 2.46 -0.59
HA ABA A 2 1.67 4.61 -2.68
HB3 ABA A 2 0.98 6.19 -1.07
HB2 ABA A 2 0.94 5.00 0.22
HG1 ABA A 2 -0.92 3.79 -0.92
HG3 ABA A 2 -1.33 5.50 -0.65
HG2 ABA A 2 -0.83 4.96 -2.27
N SAR A 3 4.30 4.66 -2.16
CA SAR A 3 5.72 4.54 -1.69
C SAR A 3 6.07 3.29 -0.86
O SAR A 3 5.96 2.19 -1.41
CN SAR A 3 4.16 4.40 -3.62
HA2 SAR A 3 5.94 5.42 -1.09
HA3 SAR A 3 6.42 4.57 -2.53
HN1 SAR A 3 4.12 3.33 -3.79
HN2 SAR A 3 5.01 4.82 -4.17
HN3 SAR A 3 3.26 4.86 -4.01
N MLE A 4 6.48 3.35 0.46
CN MLE A 4 6.58 4.61 1.24
CA MLE A 4 6.44 2.14 1.35
CB MLE A 4 7.83 1.86 2.02
CG MLE A 4 9.02 1.75 1.04
CD1 MLE A 4 10.32 1.62 1.83
CD2 MLE A 4 8.89 0.55 0.08
C MLE A 4 5.24 1.98 2.34
O MLE A 4 5.43 1.50 3.46
HN1 MLE A 4 7.13 4.46 2.18
HN2 MLE A 4 5.59 4.98 1.50
HN3 MLE A 4 7.12 5.38 0.68
HA MLE A 4 6.29 1.28 0.70
HB2 MLE A 4 7.76 0.92 2.57
HB3 MLE A 4 8.09 2.63 2.75
HG MLE A 4 9.08 2.67 0.43
HD11 MLE A 4 10.30 0.72 2.45
HD12 MLE A 4 10.47 2.49 2.46
HD13 MLE A 4 11.17 1.56 1.14
HD21 MLE A 4 9.77 0.50 -0.56
HD22 MLE A 4 8.02 0.66 -0.56
HD23 MLE A 4 8.82 -0.38 0.64
N VAL A 5 4.02 2.40 1.96
CA VAL A 5 2.80 2.28 2.76
C VAL A 5 1.80 1.31 2.10
N MLE A 6 1.28 0.21 2.76
CN MLE A 6 1.57 0.02 4.21
CA MLE A 6 0.04 -0.46 2.19
CB MLE A 6 -0.32 -1.83 2.87
CG MLE A 6 0.64 -3.02 2.79
CD1 MLE A 6 0.35 -4.02 3.92
CD2 MLE A 6 0.46 -3.73 1.45
C MLE A 6 -1.31 0.30 2.27
O MLE A 6 -1.74 0.65 3.36
HN1 MLE A 6 2.65 0.09 4.36
HN2 MLE A 6 1.29 -0.95 4.61
HN3 MLE A 6 1.10 0.82 4.76
HA MLE A 6 0.24 -0.60 1.13
HB2 MLE A 6 -1.28 -2.17 2.49
HB3 MLE A 6 -0.52 -1.62 3.93
HG MLE A 6 1.68 -2.68 2.91
HD11 MLE A 6 0.53 -3.55 4.89
HD12 MLE A 6 1.02 -4.88 3.82
HD13 MLE A 6 -0.68 -4.37 3.87
HD21 MLE A 6 -0.49 -4.28 1.44
HD22 MLE A 6 1.27 -4.43 1.29
HD23 MLE A 6 0.43 -2.98 0.66
N ALA A 7 -1.98 0.56 1.14
CA ALA A 7 -3.34 1.11 1.16
C ALA A 7 -4.39 0.00 1.49
N DAL A 8 -3.97 -1.02 2.23
CA DAL A 8 -4.76 -2.19 2.61
CB DAL A 8 -4.69 -2.35 4.14
C DAL A 8 -4.37 -3.52 1.90
O DAL A 8 -3.18 -3.85 1.83
H DAL A 8 -3.02 -0.96 2.58
HA DAL A 8 -5.81 -1.98 2.39
HB1 DAL A 8 -3.65 -2.54 4.43
HB2 DAL A 8 -5.29 -3.20 4.46
HB3 DAL A 8 -5.05 -1.46 4.64
N MLE A 9 -5.31 -4.36 1.32
CN MLE A 9 -6.77 -4.06 1.30
CA MLE A 9 -5.02 -5.63 0.57
CB MLE A 9 -5.52 -6.84 1.42
CG MLE A 9 -4.47 -7.51 2.33
CD1 MLE A 9 -5.16 -8.56 3.22
CD2 MLE A 9 -3.33 -8.20 1.54
C MLE A 9 -5.47 -5.75 -0.92
O MLE A 9 -6.61 -6.14 -1.20
HN1 MLE A 9 -7.12 -3.77 2.29
HN2 MLE A 9 -7.33 -4.95 0.98
HN3 MLE A 9 -6.96 -3.25 0.60
HA MLE A 9 -3.94 -5.73 0.50
HB2 MLE A 9 -5.96 -7.58 0.76
HB3 MLE A 9 -6.34 -6.52 2.07
HG MLE A 9 -4.03 -6.76 2.99
HD11 MLE A 9 -5.60 -9.34 2.62
HD12 MLE A 9 -5.94 -8.08 3.82
HD13 MLE A 9 -4.44 -9.00 3.91
HD21 MLE A 9 -2.71 -8.78 2.23
HD22 MLE A 9 -2.69 -7.46 1.06
HD23 MLE A 9 -3.76 -8.87 0.80
N MLE A 10 -4.62 -5.43 -1.98
CN MLE A 10 -5.03 -5.52 -3.42
CA MLE A 10 -3.20 -4.97 -1.82
CB MLE A 10 -2.31 -6.26 -1.77
CG MLE A 10 -0.90 -6.29 -1.12
CD1 MLE A 10 -0.22 -7.63 -1.51
CD2 MLE A 10 0.02 -5.14 -1.57
C MLE A 10 -2.59 -3.86 -2.73
O MLE A 10 -2.07 -4.16 -3.82
HN1 MLE A 10 -5.44 -4.57 -3.74
HN2 MLE A 10 -5.79 -6.29 -3.54
HN3 MLE A 10 -4.18 -5.79 -4.05
HA MLE A 10 -3.19 -4.47 -0.86
HB2 MLE A 10 -2.20 -6.54 -2.81
HB3 MLE A 10 -2.88 -7.08 -1.34
HG MLE A 10 -0.95 -6.31 -0.03
HD11 MLE A 10 0.76 -7.69 -1.04
HD12 MLE A 10 -0.09 -7.69 -2.59
HD13 MLE A 10 -0.83 -8.46 -1.18
HD21 MLE A 10 1.00 -5.26 -1.13
HD22 MLE A 10 -0.39 -4.19 -1.25
HD23 MLE A 10 0.11 -5.15 -2.66
N MVA A 11 -2.60 -2.52 -2.36
CN MVA A 11 -3.18 -2.03 -1.08
CA MVA A 11 -1.93 -1.41 -3.14
CB MVA A 11 -2.96 -0.46 -3.80
CG1 MVA A 11 -2.39 0.15 -5.10
CG2 MVA A 11 -4.33 -1.09 -4.11
C MVA A 11 -0.84 -0.53 -2.49
O MVA A 11 -1.16 0.15 -1.51
HN1 MVA A 11 -2.48 -2.19 -0.27
HN2 MVA A 11 -3.43 -0.98 -1.14
HN3 MVA A 11 -4.12 -2.56 -0.87
HA MVA A 11 -1.45 -1.91 -3.98
HB MVA A 11 -3.14 0.37 -3.11
HG11 MVA A 11 -1.48 0.70 -4.88
HG12 MVA A 11 -2.20 -0.63 -5.82
HG13 MVA A 11 -3.11 0.85 -5.52
HG21 MVA A 11 -4.84 -1.34 -3.18
HG22 MVA A 11 -4.96 -0.37 -4.65
HG23 MVA A 11 -4.20 -1.98 -4.73
N BMT A 1 0.44 -0.42 -2.84
CN BMT A 1 0.96 -1.03 -4.09
CA BMT A 1 1.43 0.50 -2.17
C BMT A 1 1.54 2.00 -2.55
O BMT A 1 1.51 2.36 -3.73
CB BMT A 1 2.86 -0.03 -1.93
OG1 BMT A 1 3.61 -0.38 -3.10
CG2 BMT A 1 2.89 -1.13 -0.85
CD1 BMT A 1 4.28 -1.26 -0.24
CD2 BMT A 1 2.26 -2.48 -1.18
CE BMT A 1 3.03 -3.37 -2.14
CZ BMT A 1 2.37 -4.18 -3.01
CH BMT A 1 3.13 -5.07 -3.98
HN1 BMT A 1 1.61 -0.34 -4.62
HN2 BMT A 1 1.53 -1.92 -3.81
HN3 BMT A 1 0.15 -1.32 -4.77
HA BMT A 1 1.09 0.52 -1.13
HB BMT A 1 3.40 0.80 -1.47
HG1 BMT A 1 4.52 -0.53 -2.86
HG2 BMT A 1 2.28 -0.76 -0.02
HD11 BMT A 1 4.27 -2.04 0.53
HD12 BMT A 1 5.03 -1.51 -1.00
HD13 BMT A 1 4.53 -0.31 0.23
HD22 BMT A 1 1.22 -2.34 -1.48
HD23 BMT A 1 2.20 -3.03 -0.24
HE BMT A 1 4.11 -3.33 -2.15
HZ BMT A 1 1.30 -4.21 -3.01
HH1 BMT A 1 4.20 -4.98 -3.85
HH2 BMT A 1 2.83 -6.10 -3.83
HH3 BMT A 1 2.87 -4.77 -5.00
N ABA A 2 1.66 2.88 -1.56
CA ABA A 2 1.97 4.30 -1.75
C ABA A 2 3.45 4.53 -1.36
O ABA A 2 3.74 4.70 -0.18
CB ABA A 2 0.98 5.22 -1.01
CG ABA A 2 -0.49 4.94 -1.32
H ABA A 2 1.53 2.53 -0.62
HA ABA A 2 1.85 4.56 -2.80
HB3 ABA A 2 1.21 6.25 -1.31
HB2 ABA A 2 1.15 5.15 0.06
HG1 ABA A 2 -1.12 5.69 -0.82
HG3 ABA A 2 -0.67 5.01 -2.39
HG2 ABA A 2 -0.77 3.95 -0.96
N SAR A 3 4.49 4.54 -2.30
CA SAR A 3 5.91 4.40 -1.83
C SAR A 3 6.20 3.22 -0.86
O SAR A 3 6.08 2.07 -1.29
CN SAR A 3 4.33 4.20 -3.74
HA2 SAR A 3 6.18 5.32 -1.32
HA3 SAR A 3 6.59 4.29 -2.66
HN1 SAR A 3 3.45 4.68 -4.16
HN2 SAR A 3 4.24 3.11 -3.85
HN3 SAR A 3 5.21 4.54 -4.30
N MLE A 4 6.58 3.40 0.46
CN MLE A 4 6.71 4.72 1.12
CA MLE A 4 6.49 2.27 1.45
CB MLE A 4 7.86 1.99 2.15
CG MLE A 4 9.04 1.71 1.20
CD1 MLE A 4 10.35 1.64 2.02
CD2 MLE A 4 8.87 0.40 0.41
C MLE A 4 5.27 2.24 2.44
O MLE A 4 5.42 1.89 3.61
HN1 MLE A 4 7.26 5.41 0.48
HN2 MLE A 4 7.29 4.64 2.05
HN3 MLE A 4 5.72 5.12 1.35
HA MLE A 4 6.32 1.36 0.88
HB2 MLE A 4 7.74 1.13 2.80
HB3 MLE A 4 8.15 2.82 2.81
HG MLE A 4 9.13 2.53 0.49
HD11 MLE A 4 10.51 2.58 2.53
HD12 MLE A 4 11.19 1.45 1.35
HD13 MLE A 4 10.29 0.82 2.75
HD21 MLE A 4 8.01 0.47 -0.25
HD22 MLE A 4 8.73 -0.44 1.08
HD23 MLE A 4 9.76 0.21 -0.20
N VAL A 5 4.07 2.62 1.97
CA VAL A 5 2.81 2.55 2.75
C VAL A 5 1.89 1.50 2.13
N MLE A 6 1.22 0.55 2.88
CN MLE A 6 1.27 0.59 4.37
CA MLE A 6 0.21 -0.39 2.29
CB MLE A 6 0.24 -1.84 2.87
CG MLE A 6 1.45 -2.78 2.79
CD1 MLE A 6 2.83 -2.16 3.01
CD2 MLE A 6 1.27 -3.95 3.78
C MLE A 6 -1.27 0.07 2.41
O MLE A 6 -1.84 0.04 3.50
HN1 MLE A 6 0.49 0.00 4.84
HN2 MLE A 6 1.14 1.62 4.69
HN3 MLE A 6 2.26 0.26 4.72
HA MLE A 6 0.42 -0.43 1.22
HB2 MLE A 6 -0.60 -2.40 2.46
HB3 MLE A 6 0.03 -1.77 3.95
HG MLE A 6 1.41 -3.26 1.80
HD11 MLE A 6 2.98 -1.32 2.32
HD12 MLE A 6 3.61 -2.90 2.83
HD13 MLE A 6 2.93 -1.80 4.03
HD21 MLE A 6 2.07 -4.69 3.64
HD22 MLE A 6 0.31 -4.45 3.59
HD23 MLE A 6 1.27 -3.60 4.80
N ALA A 7 -1.91 0.48 1.32
CA ALA A 7 -3.28 1.03 1.34
C ALA A 7 -4.40 -0.04 1.55
N DAL A 8 -4.04 -1.18 2.14
CA DAL A 8 -4.96 -2.31 2.43
CB DAL A 8 -5.19 -2.43 3.94
C DAL A 8 -4.54 -3.68 1.82
O DAL A 8 -3.38 -4.06 1.93
H DAL A 8 -3.07 -1.26 2.41
HA DAL A 8 -5.94 -2.06 2.02
HB1 DAL A 8 -6.04 -3.09 4.12
HB2 DAL A 8 -5.40 -1.45 4.38
HB3 DAL A 8 -4.32 -2.87 4.43
N MLE A 9 -5.45 -4.49 1.15
CN MLE A 9 -6.87 -4.12 0.92
CA MLE A 9 -5.13 -5.80 0.51
CB MLE A 9 -5.76 -6.92 1.36
CG MLE A 9 -5.33 -8.36 1.00
CD1 MLE A 9 -3.87 -8.65 1.39
CD2 MLE A 9 -6.24 -9.37 1.70
C MLE A 9 -5.39 -5.98 -1.02
O MLE A 9 -6.45 -6.44 -1.43
HN1 MLE A 9 -7.35 -3.88 1.88
HN2 MLE A 9 -7.41 -4.94 0.46
HN3 MLE A 9 -6.92 -3.25 0.25
HA MLE A 9 -4.06 -5.97 0.61
HB2 MLE A 9 -6.84 -6.86 1.25
HB3 MLE A 9 -5.52 -6.74 2.41
HG MLE A 9 -5.45 -8.49 -0.08
HD11 MLE A 9 -3.17 -7.99 0.88
HD12 MLE A 9 -3.61 -9.67 1.13
HD13 MLE A 9 -3.74 -8.53 2.47
HD21 MLE A 9 -5.95 -10.38 1.43
HD22 MLE A 9 -7.28 -9.22 1.39
HD23 MLE A 9 -6.17 -9.24 2.78
N MLE A 10 -4.43 -5.61 -1.96
CN MLE A 10 -4.64 -5.75 -3.43
CA MLE A 10 -3.09 -5.04 -1.63
CB MLE A 10 -2.11 -6.26 -1.45
CG MLE A 10 -0.90 -6.17 -0.49
CD1 MLE A 10 0.25 -7.00 -1.08
CD2 MLE A 10 -0.39 -4.76 -0.19
C MLE A 10 -2.45 -3.92 -2.51
O MLE A 10 -1.78 -4.20 -3.51
HN1 MLE A 10 -3.73 -6.08 -3.92
HN2 MLE A 10 -4.93 -4.78 -3.85
HN3 MLE A 10 -5.41 -6.48 -3.65
HA MLE A 10 -3.21 -4.54 -0.67
HB2 MLE A 10 -1.75 -6.47 -2.44
HB3 MLE A 10 -2.66 -7.16 -1.18
HG MLE A 10 -1.15 -6.64 0.46
HD11 MLE A 10 0.58 -6.57 -2.02
HD12 MLE A 10 -0.08 -8.03 -1.26
HD13 MLE A 10 1.10 -7.02 -0.39
HD21 MLE A 10 0.48 -4.82 0.45
HD22 MLE A 10 -1.15 -4.19 0.35
HD23 MLE A 10 -0.14 -4.24 -1.11
N MVA A 11 -2.61 -2.56 -2.19
CN MVA A 11 -3.31 -2.08 -0.98
CA MVA A 11 -1.97 -1.44 -2.99
CB MVA A 11 -3.01 -0.44 -3.58
CG1 MVA A 11 -2.46 0.20 -4.86
CG2 MVA A 11 -4.38 -1.05 -3.89
C MVA A 11 -0.85 -0.58 -2.33
O MVA A 11 -1.12 0.02 -1.29
HN1 MVA A 11 -3.54 -1.01 -1.04
HN2 MVA A 11 -4.23 -2.62 -0.84
HN3 MVA A 11 -2.66 -2.25 -0.12
HA MVA A 11 -1.51 -1.90 -3.85
HB MVA A 11 -3.16 0.37 -2.86
HG11 MVA A 11 -2.29 -0.56 -5.61
HG12 MVA A 11 -3.17 0.94 -5.24
HG13 MVA A 11 -1.52 0.72 -4.66
HG21 MVA A 11 -4.88 -1.33 -2.95
HG22 MVA A 11 -5.02 -0.33 -4.40
HG23 MVA A 11 -4.27 -1.93 -4.51
N BMT A 1 0.39 -0.35 -2.90
CN BMT A 1 0.93 -1.00 -4.13
CA BMT A 1 1.38 0.56 -2.19
C BMT A 1 1.47 2.06 -2.55
O BMT A 1 1.45 2.45 -3.72
CB BMT A 1 2.81 0.03 -1.94
OG1 BMT A 1 3.58 -0.30 -3.09
CG2 BMT A 1 2.83 -1.08 -0.86
CD1 BMT A 1 4.23 -1.21 -0.25
CD2 BMT A 1 2.23 -2.42 -1.24
CE BMT A 1 3.07 -3.26 -2.20
CZ BMT A 1 3.60 -4.44 -1.81
CH BMT A 1 4.42 -5.27 -2.77
HN1 BMT A 1 1.36 -1.96 -3.85
HN2 BMT A 1 0.12 -1.16 -4.85
HN3 BMT A 1 1.68 -0.37 -4.60
HA BMT A 1 1.03 0.55 -1.16
HB BMT A 1 3.33 0.87 -1.46
HG1 BMT A 1 4.50 -0.41 -2.83
HG2 BMT A 1 2.22 -0.73 -0.04
HD11 BMT A 1 4.46 -0.26 0.23
HD12 BMT A 1 4.21 -1.98 0.52
HD13 BMT A 1 4.96 -1.46 -1.00
HD22 BMT A 1 1.22 -2.29 -1.61
HD23 BMT A 1 2.09 -2.97 -0.31
HE BMT A 1 3.24 -2.91 -3.21
HZ BMT A 1 3.44 -4.79 -0.79
HH1 BMT A 1 4.50 -4.78 -3.73
HH2 BMT A 1 5.43 -5.41 -2.34
HH3 BMT A 1 3.96 -6.25 -2.90
N ABA A 2 1.57 2.92 -1.54
CA ABA A 2 1.88 4.35 -1.68
C ABA A 2 3.37 4.55 -1.29
O ABA A 2 3.69 4.68 -0.11
CB ABA A 2 0.91 5.24 -0.89
CG ABA A 2 -0.56 4.96 -1.17
H ABA A 2 1.44 2.55 -0.60
HA ABA A 2 1.74 4.64 -2.72
HB3 ABA A 2 1.12 6.28 -1.15
HB2 ABA A 2 1.10 5.14 0.18
HG1 ABA A 2 -0.83 3.96 -0.83
HG3 ABA A 2 -1.18 5.68 -0.63
HG2 ABA A 2 -0.76 5.04 -2.25
N SAR A 3 4.39 4.60 -2.25
CA SAR A 3 5.82 4.42 -1.79
C SAR A 3 6.10 3.19 -0.90
O SAR A 3 5.95 2.07 -1.37
CN SAR A 3 4.22 4.31 -3.69
HA2 SAR A 3 6.09 5.32 -1.24
HA3 SAR A 3 6.50 4.36 -2.65
HN1 SAR A 3 4.11 3.24 -3.85
HN2 SAR A 3 5.07 4.67 -4.27
HN3 SAR A 3 3.33 4.81 -4.09
N MLE A 4 6.54 3.30 0.42
CN MLE A 4 6.70 4.60 1.14
CA MLE A 4 6.44 2.15 1.37
CB MLE A 4 7.82 1.82 2.03
CG MLE A 4 8.98 1.59 1.04
CD1 MLE A 4 10.30 1.44 1.82
CD2 MLE A 4 8.77 0.33 0.17
C MLE A 4 5.24 2.09 2.37
O MLE A 4 5.41 1.69 3.52
HN1 MLE A 4 7.25 4.48 2.08
HN2 MLE A 4 5.71 5.00 1.39
HN3 MLE A 4 7.24 5.32 0.53
HA MLE A 4 6.23 1.26 0.76
HB2 MLE A 4 7.71 0.92 2.63
HB3 MLE A 4 8.14 2.60 2.73
HG MLE A 4 9.07 2.45 0.38
HD11 MLE A 4 11.13 1.29 1.13
HD12 MLE A 4 10.24 0.59 2.50
HD13 MLE A 4 10.49 2.35 2.39
HD21 MLE A 4 9.63 0.19 -0.48
HD22 MLE A 4 7.88 0.46 -0.47
HD23 MLE A 4 8.64 -0.54 0.79
N VAL A 5 4.03 2.51 1.95
CA VAL A 5 2.80 2.44 2.75
C VAL A 5 1.84 1.43 2.10
N MLE A 6 1.21 0.43 2.83
CN MLE A 6 1.31 0.42 4.31
CA MLE A 6 0.15 -0.45 2.22
CB MLE A 6 0.13 -1.93 2.74
CG MLE A 6 1.30 -2.93 2.67
CD1 MLE A 6 2.70 -2.37 2.99
CD2 MLE A 6 1.03 -4.11 3.61
C MLE A 6 -1.31 0.06 2.36
O MLE A 6 -1.84 0.09 3.47
HN1 MLE A 6 0.59 -0.25 4.79
HN2 MLE A 6 1.11 1.42 4.69
HN3 MLE A 6 2.31 0.11 4.62
HA MLE A 6 0.36 -0.46 1.14
HB2 MLE A 6 -0.74 -2.44 2.31
HB3 MLE A 6 -0.12 -1.90 3.81
HG MLE A 6 1.28 -3.34 1.66
HD11 MLE A 6 3.45 -3.15 2.82
HD12 MLE A 6 2.75 -2.04 4.02
HD13 MLE A 6 2.91 -1.52 2.33
HD21 MLE A 6 1.80 -4.87 3.47
HD22 MLE A 6 0.05 -4.55 3.37
HD23 MLE A 6 1.03 -3.79 4.65
N ALA A 7 -1.99 0.44 1.27
CA ALA A 7 -3.36 0.96 1.31
C ALA A 7 -4.42 -0.15 1.51
N DAL A 8 -4.04 -1.25 2.19
CA DAL A 8 -4.87 -2.40 2.53
CB DAL A 8 -4.72 -2.58 4.04
C DAL A 8 -4.50 -3.71 1.78
O DAL A 8 -3.32 -4.10 1.76
H DAL A 8 -3.08 -1.26 2.52
HA DAL A 8 -5.91 -2.17 2.35
HB1 DAL A 8 -5.10 -1.72 4.57
HB2 DAL A 8 -3.67 -2.74 4.29
HB3 DAL A 8 -5.27 -3.47 4.35
N MLE A 9 -5.45 -4.48 1.12
CN MLE A 9 -6.89 -4.11 0.99
CA MLE A 9 -5.17 -5.76 0.38
CB MLE A 9 -5.80 -6.95 1.15
CG MLE A 9 -4.86 -7.71 2.12
CD1 MLE A 9 -5.68 -8.72 2.93
CD2 MLE A 9 -3.75 -8.46 1.39
C MLE A 9 -5.49 -5.85 -1.16
O MLE A 9 -6.58 -6.24 -1.55
HN1 MLE A 9 -7.31 -3.88 1.97
HN2 MLE A 9 -7.46 -4.93 0.56
HN3 MLE A 9 -6.98 -3.24 0.35
HA MLE A 9 -4.09 -5.91 0.39
HB2 MLE A 9 -6.24 -7.66 0.46
HB3 MLE A 9 -6.64 -6.59 1.74
HG MLE A 9 -4.42 -7.00 2.83
HD11 MLE A 9 -6.17 -9.43 2.27
HD12 MLE A 9 -6.45 -8.20 3.52
HD13 MLE A 9 -5.03 -9.25 3.64
HD21 MLE A 9 -3.17 -9.07 2.10
HD22 MLE A 9 -3.06 -7.77 0.90
HD23 MLE A 9 -4.18 -9.13 0.64
N MLE A 10 -4.54 -5.49 -2.11
CN MLE A 10 -4.78 -5.56 -3.58
CA MLE A 10 -3.16 -4.97 -1.80
CB MLE A 10 -2.21 -6.20 -1.67
CG MLE A 10 -0.94 -6.15 -0.79
CD1 MLE A 10 0.15 -7.07 -1.39
CD2 MLE A 10 -0.34 -4.76 -0.58
C MLE A 10 -2.53 -3.82 -2.66
O MLE A 10 -1.89 -4.09 -3.69
HN1 MLE A 10 -5.09 -4.58 -3.95
HN2 MLE A 10 -5.57 -6.27 -3.78
HN3 MLE A 10 -3.89 -5.88 -4.10
HA MLE A 10 -3.25 -4.48 -0.84
HB2 MLE A 10 -1.91 -6.41 -2.71
HB3 MLE A 10 -2.77 -7.09 -1.39
HG MLE A 10 -1.15 -6.58 0.20
HD11 MLE A 10 -0.26 -8.07 -1.51
HD12 MLE A 10 1.01 -7.11 -0.73
HD13 MLE A 10 0.45 -6.69 -2.37
HD21 MLE A 10 0.56 -4.84 0.03
HD22 MLE A 10 -1.06 -4.12 -0.07
HD23 MLE A 10 -0.06 -4.34 -1.55
N MVA A 11 -2.66 -2.47 -2.32
CN MVA A 11 -3.34 -2.03 -1.08
CA MVA A 11 -2.02 -1.35 -3.08
CB MVA A 11 -3.05 -0.35 -3.66
CG1 MVA A 11 -2.49 0.32 -4.93
CG2 MVA A 11 -4.42 -0.94 -4.00
C MVA A 11 -0.90 -0.49 -2.41
O MVA A 11 -1.18 0.10 -1.38
HN1 MVA A 11 -4.29 -2.55 -0.95
HN2 MVA A 11 -2.71 -2.22 -0.21
HN3 MVA A 11 -3.56 -0.96 -1.11
HA MVA A 11 -1.55 -1.81 -3.95
HB MVA A 11 -3.21 0.45 -2.95
HG11 MVA A 11 -2.31 -0.42 -5.71
HG12 MVA A 11 -3.20 1.06 -5.31
HG13 MVA A 11 -1.56 0.84 -4.71
HG21 MVA A 11 -4.92 -1.24 -3.08
HG22 MVA A 11 -5.04 -0.18 -4.49
HG23 MVA A 11 -4.30 -1.80 -4.66
N BMT A 1 0.37 -0.36 -2.91
CN BMT A 1 0.86 -1.01 -4.15
CA BMT A 1 1.37 0.53 -2.20
C BMT A 1 1.48 2.03 -2.56
O BMT A 1 1.46 2.41 -3.73
CB BMT A 1 2.80 -0.01 -1.98
OG1 BMT A 1 3.54 -0.34 -3.15
CG2 BMT A 1 2.83 -1.11 -0.90
CD1 BMT A 1 4.25 -1.26 -0.32
CD2 BMT A 1 2.20 -2.45 -1.27
CE BMT A 1 3.00 -3.32 -2.23
CZ BMT A 1 3.56 -4.48 -1.82
CH BMT A 1 4.36 -5.33 -2.78
HN1 BMT A 1 1.61 -0.39 -4.64
HN2 BMT A 1 1.31 -1.97 -3.88
HN3 BMT A 1 0.07 -1.17 -4.87
HA BMT A 1 1.03 0.54 -1.17
HB BMT A 1 3.33 0.82 -1.52
HG1 BMT A 1 4.46 -0.46 -2.90
HG2 BMT A 1 2.25 -0.75 -0.06
HD11 BMT A 1 4.97 -1.48 -1.10
HD12 BMT A 1 4.49 -0.33 0.19
HD13 BMT A 1 4.25 -2.06 0.42
HD22 BMT A 1 1.18 -2.30 -1.61
HD23 BMT A 1 2.08 -3.00 -0.32
HE BMT A 1 3.14 -2.99 -3.25
HZ BMT A 1 3.44 -4.81 -0.80
HH1 BMT A 1 5.38 -5.43 -2.42
HH2 BMT A 1 3.90 -6.32 -2.83
HH3 BMT A 1 4.37 -4.89 -3.77
N ABA A 2 1.59 2.89 -1.54
CA ABA A 2 1.92 4.31 -1.69
C ABA A 2 3.40 4.53 -1.31
O ABA A 2 3.70 4.66 -0.12
CB ABA A 2 0.93 5.21 -0.91
CG ABA A 2 -0.55 4.91 -1.22
H ABA A 2 1.47 2.51 -0.62
HA ABA A 2 1.78 4.61 -2.73
HB3 ABA A 2 1.13 6.25 -1.17
HB2 ABA A 2 1.11 5.10 0.16
HG1 ABA A 2 -1.18 5.62 -0.68
HG3 ABA A 2 -0.72 5.00 -2.30
HG2 ABA A 2 -0.81 3.90 -0.91
N SAR A 3 4.43 4.57 -2.25
CA SAR A 3 5.83 4.42 -1.79
C SAR A 3 6.14 3.21 -0.89
O SAR A 3 6.01 2.07 -1.36
CN SAR A 3 4.25 4.29 -3.70
HA2 SAR A 3 6.11 5.33 -1.25
HA3 SAR A 3 6.51 4.38 -2.64
HN1 SAR A 3 4.15 3.22 -3.86
HN2 SAR A 3 5.11 4.66 -4.27
HN3 SAR A 3 3.37 4.81 -4.09
N MLE A 4 6.55 3.34 0.45
CN MLE A 4 6.68 4.63 1.16
CA MLE A 4 6.47 2.18 1.40
CB MLE A 4 7.85 1.89 2.08
CG MLE A 4 9.02 1.65 1.10
CD1 MLE A 4 10.33 1.55 1.89
CD2 MLE A 4 8.84 0.38 0.25
C MLE A 4 5.26 2.12 2.39
O MLE A 4 5.43 1.72 3.54
HN1 MLE A 4 7.23 5.35 0.54
HN2 MLE A 4 7.23 4.53 2.09
HN3 MLE A 4 5.70 5.04 1.39
HA MLE A 4 6.29 1.28 0.80
HB2 MLE A 4 7.73 0.99 2.69
HB3 MLE A 4 8.13 2.68 2.76
HG MLE A 4 9.10 2.51 0.43
HD11 MLE A 4 10.50 2.47 2.44
HD12 MLE A 4 11.16 1.37 1.22
HD13 MLE A 4 10.27 0.72 2.60
HD21 MLE A 4 8.70 -0.48 0.89
HD22 MLE A 4 9.72 0.22 -0.38
HD23 MLE A 4 7.98 0.49 -0.40
N VAL A 5 4.05 2.52 1.95
CA VAL A 5 2.81 2.43 2.74
C VAL A 5 1.87 1.41 2.10
N MLE A 6 1.23 0.43 2.84
CN MLE A 6 1.30 0.43 4.32
CA MLE A 6 0.18 -0.47 2.23
CB MLE A 6 0.19 -1.94 2.77
CG MLE A 6 1.37 -2.92 2.66
CD1 MLE A 6 2.78 -2.32 2.86
CD2 MLE A 6 1.18 -4.08 3.64
C MLE A 6 -1.30 0.01 2.37
O MLE A 6 -1.83 0.00 3.47
HN1 MLE A 6 0.49 -0.14 4.77
HN2 MLE A 6 1.22 1.45 4.67
HN3 MLE A 6 2.26 0.03 4.65
HA MLE A 6 0.38 -0.49 1.15
HB2 MLE A 6 -0.67 -2.47 2.37
HB3 MLE A 6 -0.02 -1.89 3.84
HG MLE A 6 1.31 -3.38 1.68
HD11 MLE A 6 3.54 -3.08 2.65
HD12 MLE A 6 2.90 -2.00 3.90
HD13 MLE A 6 2.92 -1.47 2.20
HD21 MLE A 6 1.19 -3.73 4.68
HD22 MLE A 6 1.96 -4.82 3.52
HD23 MLE A 6 0.22 -4.57 3.45
N ALA A 7 -1.96 0.44 1.29
CA ALA A 7 -3.32 0.99 1.35
C ALA A 7 -4.43 -0.08 1.56
N DAL A 8 -4.07 -1.23 2.14
CA DAL A 8 -4.96 -2.37 2.42
CB DAL A 8 -5.07 -2.54 3.93
C DAL A 8 -4.55 -3.70 1.73
O DAL A 8 -3.37 -4.07 1.75
H DAL A 8 -3.10 -1.31 2.41
HA DAL A 8 -5.95 -2.12 2.06
HB1 DAL A 8 -4.10 -2.81 4.34
HB2 DAL A 8 -5.78 -3.33 4.17
HB3 DAL A 8 -5.42 -1.61 4.37
N MLE A 9 -5.47 -4.51 1.08
CN MLE A 9 -6.91 -4.17 0.93
CA MLE A 9 -5.16 -5.79 0.37
CB MLE A 9 -5.77 -6.99 1.18
CG MLE A 9 -4.82 -7.72 2.14
CD1 MLE A 9 -5.62 -8.73 2.97
CD2 MLE A 9 -3.70 -8.48 1.39
C MLE A 9 -5.47 -5.91 -1.15
O MLE A 9 -6.55 -6.34 -1.54
HN1 MLE A 9 -7.33 -3.86 1.88
HN2 MLE A 9 -7.48 -5.03 0.56
HN3 MLE A 9 -7.02 -3.36 0.21
HA MLE A 9 -4.08 -5.93 0.39
HB2 MLE A 9 -6.22 -7.70 0.50
HB3 MLE A 9 -6.60 -6.61 1.79
HG MLE A 9 -4.37 -7.01 2.83
HD11 MLE A 9 -6.40 -8.21 3.52
HD12 MLE A 9 -4.96 -9.23 3.69
HD13 MLE A 9 -6.06 -9.49 2.33
HD21 MLE A 9 -4.12 -9.15 0.66
HD22 MLE A 9 -3.11 -9.07 2.11
HD23 MLE A 9 -3.03 -7.78 0.91
N MLE A 10 -4.53 -5.52 -2.11
CN MLE A 10 -4.79 -5.60 -3.58
CA MLE A 10 -3.17 -4.96 -1.82
CB MLE A 10 -2.20 -6.18 -1.69
CG MLE A 10 -0.95 -6.13 -0.78
CD1 MLE A 10 0.13 -7.04 -1.37
CD2 MLE A 10 -0.36 -4.73 -0.60
C MLE A 10 -2.56 -3.80 -2.66
O MLE A 10 -1.93 -4.06 -3.69
HN1 MLE A 10 -3.88 -5.88 -4.11
HN2 MLE A 10 -5.14 -4.64 -3.95
HN3 MLE A 10 -5.55 -6.35 -3.81
HA MLE A 10 -3.26 -4.49 -0.84
HB2 MLE A 10 -1.89 -6.37 -2.72
HB3 MLE A 10 -2.75 -7.09 -1.42
HG MLE A 10 -1.16 -6.55 0.20
HD11 MLE A 10 0.47 -6.66 -2.34
HD12 MLE A 10 -0.26 -8.05 -1.50
HD13 MLE A 10 0.99 -7.08 -0.69
HD21 MLE A 10 0.54 -4.78 0.03
HD22 MLE A 10 -1.08 -4.08 -0.08
HD23 MLE A 10 -0.10 -4.28 -1.56
N MVA A 11 -2.69 -2.46 -2.30
CN MVA A 11 -3.34 -2.02 -1.04
CA MVA A 11 -2.05 -1.32 -3.06
CB MVA A 11 -3.10 -0.31 -3.62
CG1 MVA A 11 -2.56 0.37 -4.89
CG2 MVA A 11 -4.48 -0.92 -3.95
C MVA A 11 -0.93 -0.46 -2.41
O MVA A 11 -1.20 0.16 -1.38
HN1 MVA A 11 -3.59 -0.96 -1.07
HN2 MVA A 11 -4.28 -2.56 -0.91
HN3 MVA A 11 -2.69 -2.21 -0.20
HA MVA A 11 -1.61 -1.76 -3.95
HB MVA A 11 -3.25 0.47 -2.88
HG11 MVA A 11 -3.28 1.10 -5.26
HG12 MVA A 11 -1.64 0.90 -4.67
HG13 MVA A 11 -2.37 -0.36 -5.67
HG21 MVA A 11 -5.12 -0.18 -4.43
HG22 MVA A 11 -4.35 -1.77 -4.62
HG23 MVA A 11 -4.96 -1.23 -3.03
N BMT A 1 0.42 -0.38 -2.87
CN BMT A 1 0.93 -1.04 -4.11
CA BMT A 1 1.41 0.52 -2.18
C BMT A 1 1.51 2.02 -2.54
O BMT A 1 1.50 2.39 -3.71
CB BMT A 1 2.85 -0.01 -1.94
OG1 BMT A 1 3.61 -0.36 -3.10
CG2 BMT A 1 2.88 -1.12 -0.86
CD1 BMT A 1 4.27 -1.27 -0.26
CD2 BMT A 1 2.26 -2.47 -1.22
CE BMT A 1 3.05 -3.31 -2.20
CZ BMT A 1 3.55 -4.52 -1.81
CH BMT A 1 4.34 -5.38 -2.77
HN1 BMT A 1 0.14 -1.19 -4.84
HN2 BMT A 1 1.67 -0.40 -4.59
HN3 BMT A 1 1.37 -1.99 -3.84
HA BMT A 1 1.08 0.53 -1.15
HB BMT A 1 3.37 0.82 -1.46
HG1 BMT A 1 4.53 -0.44 -2.86
HG2 BMT A 1 2.27 -0.76 -0.02
HD11 BMT A 1 4.25 -2.06 0.49
HD12 BMT A 1 5.00 -1.51 -1.04
HD13 BMT A 1 4.52 -0.32 0.21
HD22 BMT A 1 1.23 -2.32 -1.56
HD23 BMT A 1 2.12 -3.00 -0.29
HE BMT A 1 3.22 -2.96 -3.20
HZ BMT A 1 3.38 -4.88 -0.80
HH1 BMT A 1 5.34 -5.55 -2.38
HH2 BMT A 1 3.84 -6.34 -2.88
HH3 BMT A 1 4.41 -4.90 -3.75
N ABA A 2 1.62 2.88 -1.53
CA ABA A 2 1.93 4.30 -1.68
C ABA A 2 3.42 4.53 -1.29
O ABA A 2 3.72 4.68 -0.10
CB ABA A 2 0.94 5.20 -0.91
CG ABA A 2 -0.52 4.91 -1.26
H ABA A 2 1.49 2.52 -0.59
HA ABA A 2 1.81 4.60 -2.72
HB3 ABA A 2 1.17 6.24 -1.16
HB2 ABA A 2 1.10 5.09 0.16
HG1 ABA A 2 -1.17 5.63 -0.74
HG3 ABA A 2 -0.68 5.00 -2.33
HG2 ABA A 2 -0.80 3.91 -0.93
N SAR A 3 4.45 4.55 -2.23
CA SAR A 3 5.86 4.38 -1.75
C SAR A 3 6.13 3.16 -0.83
O SAR A 3 5.95 2.03 -1.30
CN SAR A 3 4.30 4.25 -3.68
HA2 SAR A 3 6.13 5.28 -1.22
HA3 SAR A 3 6.54 4.31 -2.59
HN1 SAR A 3 3.41 4.73 -4.07
HN2 SAR A 3 4.22 3.17 -3.82
HN3 SAR A 3 5.15 4.63 -4.23
N MLE A 4 6.57 3.28 0.48
CN MLE A 4 6.77 4.57 1.19
CA MLE A 4 6.46 2.14 1.45
CB MLE A 4 7.82 1.83 2.16
CG MLE A 4 9.04 1.44 1.27
CD1 MLE A 4 8.77 0.21 0.39
CD2 MLE A 4 9.60 2.59 0.40
C MLE A 4 5.25 2.11 2.44
O MLE A 4 5.39 1.70 3.60
HN1 MLE A 4 5.80 4.98 1.50
HN2 MLE A 4 7.28 5.28 0.54
HN3 MLE A 4 7.38 4.45 2.08
HA MLE A 4 6.28 1.24 0.86
HB2 MLE A 4 7.66 0.98 2.82
HB3 MLE A 4 8.15 2.64 2.82
HG MLE A 4 9.84 1.18 1.96
HD11 MLE A 4 9.71 -0.12 -0.05
HD12 MLE A 4 8.06 0.45 -0.40
HD13 MLE A 4 8.37 -0.59 1.01
HD21 MLE A 4 8.94 2.80 -0.44
HD22 MLE A 4 10.57 2.30 0.02
HD23 MLE A 4 9.71 3.49 1.01
N VAL A 5 4.04 2.52 2.00
CA VAL A 5 2.80 2.45 2.78
C VAL A 5 1.86 1.42 2.13
N MLE A 6 1.22 0.43 2.87
CN MLE A 6 1.31 0.44 4.35
CA MLE A 6 0.19 -0.47 2.25
CB MLE A 6 0.19 -1.95 2.81
CG MLE A 6 1.40 -2.91 2.71
CD1 MLE A 6 2.78 -2.30 2.95
CD2 MLE A 6 1.21 -4.08 3.70
C MLE A 6 -1.27 0.01 2.39
O MLE A 6 -1.83 0.00 3.49
HN1 MLE A 6 1.13 1.45 4.71
HN2 MLE A 6 2.31 0.15 4.66
HN3 MLE A 6 0.58 -0.22 4.83
HA MLE A 6 0.39 -0.49 1.19
HB2 MLE A 6 -0.66 -2.49 2.39
HB3 MLE A 6 -0.02 -1.91 3.88
HG MLE A 6 1.36 -3.37 1.72
HD11 MLE A 6 3.55 -3.06 2.78
HD12 MLE A 6 2.86 -1.96 3.98
HD13 MLE A 6 2.95 -1.47 2.28
HD21 MLE A 6 2.00 -4.82 3.55
HD22 MLE A 6 0.25 -4.58 3.51
HD23 MLE A 6 1.23 -3.73 4.72
N ALA A 7 -1.93 0.43 1.30
CA ALA A 7 -3.30 0.97 1.34
C ALA A 7 -4.41 -0.12 1.54
N DAL A 8 -4.05 -1.25 2.15
CA DAL A 8 -4.94 -2.39 2.45
CB DAL A 8 -4.97 -2.56 3.97
C DAL A 8 -4.55 -3.72 1.74
O DAL A 8 -3.38 -4.10 1.77
H DAL A 8 -3.08 -1.32 2.44
HA DAL A 8 -5.95 -2.12 2.14
HB1 DAL A 8 -3.98 -2.80 4.34
HB2 DAL A 8 -5.66 -3.37 4.23
HB3 DAL A 8 -5.32 -1.64 4.45
N MLE A 9 -5.49 -4.50 1.07
CN MLE A 9 -6.92 -4.12 0.90
CA MLE A 9 -5.20 -5.77 0.35
CB MLE A 9 -5.83 -6.95 1.15
CG MLE A 9 -4.90 -7.70 2.14
CD1 MLE A 9 -5.73 -8.71 2.94
CD2 MLE A 9 -3.75 -8.44 1.45
C MLE A 9 -5.50 -5.88 -1.18
O MLE A 9 -6.59 -6.29 -1.58
HN1 MLE A 9 -7.49 -4.97 0.51
HN2 MLE A 9 -7.01 -3.30 0.20
HN3 MLE A 9 -7.36 -3.85 1.86
HA MLE A 9 -4.12 -5.93 0.38
HB2 MLE A 9 -6.26 -7.69 0.45
HB3 MLE A 9 -6.67 -6.60 1.73
HG MLE A 9 -4.49 -6.97 2.85
HD11 MLE A 9 -5.10 -9.22 3.67
HD12 MLE A 9 -6.17 -9.46 2.28
HD13 MLE A 9 -6.52 -8.19 3.48
HD21 MLE A 9 -3.17 -9.00 2.19
HD22 MLE A 9 -3.06 -7.74 0.96
HD23 MLE A 9 -4.13 -9.14 0.71
N MLE A 10 -4.55 -5.52 -2.14
CN MLE A 10 -4.80 -5.59 -3.61
CA MLE A 10 -3.19 -4.96 -1.84
CB MLE A 10 -2.22 -6.19 -1.69
CG MLE A 10 -0.96 -6.12 -0.78
CD1 MLE A 10 0.16 -6.97 -1.39
CD2 MLE A 10 -0.42 -4.71 -0.52
C MLE A 10 -2.55 -3.82 -2.68
O MLE A 10 -1.93 -4.09 -3.71
HN1 MLE A 10 -5.14 -4.62 -3.97
HN2 MLE A 10 -5.56 -6.34 -3.83
HN3 MLE A 10 -3.90 -5.87 -4.13
HA MLE A 10 -3.28 -4.49 -0.86
HB2 MLE A 10 -1.89 -6.39 -2.71
HB3 MLE A 10 -2.76 -7.09 -1.41
HG MLE A 10 -1.18 -6.58 0.19
HD11 MLE A 10 0.49 -6.54 -2.35
HD12 MLE A 10 -0.20 -7.99 -1.56
HD13 MLE A 10 1.01 -7.00 -0.71
HD21 MLE A 10 -1.16 -4.11 0.01
HD22 MLE A 10 -0.15 -4.23 -1.46
HD23 MLE A 10 0.47 -4.78 0.10
N MVA A 11 -2.67 -2.48 -2.32
CN MVA A 11 -3.32 -2.02 -1.07
CA MVA A 11 -2.01 -1.34 -3.06
CB MVA A 11 -3.03 -0.32 -3.65
CG1 MVA A 11 -2.48 0.33 -4.93
CG2 MVA A 11 -4.42 -0.90 -3.97
C MVA A 11 -0.88 -0.50 -2.39
O MVA A 11 -1.16 0.09 -1.36
HN1 MVA A 11 -4.27 -2.55 -0.94
HN2 MVA A 11 -2.69 -2.25 -0.21
HN3 MVA A 11 -3.55 -0.96 -1.08
HA MVA A 11 -1.54 -1.81 -3.94
HB MVA A 11 -3.17 0.48 -2.93
HG11 MVA A 11 -1.53 0.83 -4.73
HG12 MVA A 11 -2.31 -0.42 -5.70
HG13 MVA A 11 -3.19 1.06 -5.31
HG21 MVA A 11 -4.31 -1.79 -4.61
HG22 MVA A 11 -4.91 -1.17 -3.04
HG23 MVA A 11 -5.03 -0.16 -4.47
N BMT A 1 0.41 -0.36 -2.93
CN BMT A 1 0.94 -1.04 -4.14
CA BMT A 1 1.38 0.54 -2.22
C BMT A 1 1.46 2.04 -2.57
O BMT A 1 1.45 2.42 -3.75
CB BMT A 1 2.84 0.03 -1.98
OG1 BMT A 1 3.59 -0.31 -3.13
CG2 BMT A 1 2.88 -1.07 -0.90
CD1 BMT A 1 4.28 -1.19 -0.29
CD2 BMT A 1 2.28 -2.43 -1.26
CE BMT A 1 3.10 -3.27 -2.22
CZ BMT A 1 3.64 -4.44 -1.81
CH BMT A 1 4.45 -5.29 -2.77
HN1 BMT A 1 1.39 -1.98 -3.86
HN2 BMT A 1 0.15 -1.22 -4.88
HN3 BMT A 1 1.67 -0.39 -4.64
HA BMT A 1 1.05 0.53 -1.19
HB BMT A 1 3.35 0.87 -1.51
HG1 BMT A 1 4.51 -0.44 -2.86
HG2 BMT A 1 2.27 -0.73 -0.06
HD11 BMT A 1 4.50 -0.24 0.21
HD12 BMT A 1 4.28 -1.98 0.47
HD13 BMT A 1 5.02 -1.42 -1.05
HD22 BMT A 1 1.25 -2.31 -1.61
HD23 BMT A 1 2.16 -2.97 -0.32
HE BMT A 1 3.26 -2.93 -3.23
HZ BMT A 1 3.48 -4.79 -0.79
HH1 BMT A 1 5.45 -5.43 -2.38
HH2 BMT A 1 3.98 -6.26 -2.87
HH3 BMT A 1 4.51 -4.82 -3.75
N ABA A 2 1.57 2.90 -1.55
CA ABA A 2 1.87 4.32 -1.68
C ABA A 2 3.36 4.54 -1.29
O ABA A 2 3.64 4.67 -0.10
CB ABA A 2 0.87 5.19 -0.90
CG ABA A 2 -0.60 4.88 -1.19
H ABA A 2 1.45 2.51 -0.62
HA ABA A 2 1.74 4.62 -2.72
HB3 ABA A 2 1.06 6.23 -1.17
HB2 ABA A 2 1.06 5.09 0.16
HG1 ABA A 2 -1.23 5.58 -0.66
HG3 ABA A 2 -0.78 4.95 -2.27
HG2 ABA A 2 -0.84 3.86 -0.86
N SAR A 3 4.39 4.60 -2.22
CA SAR A 3 5.81 4.45 -1.76
C SAR A 3 6.10 3.22 -0.87
O SAR A 3 5.96 2.10 -1.34
CN SAR A 3 4.23 4.32 -3.68
HA2 SAR A 3 6.07 5.35 -1.21
HA3 SAR A 3 6.49 4.41 -2.61
HN1 SAR A 3 3.33 4.78 -4.06
HN2 SAR A 3 4.17 3.25 -3.84
HN3 SAR A 3 5.08 4.71 -4.24
N MLE A 4 6.52 3.33 0.46
CN MLE A 4 6.66 4.62 1.18
CA MLE A 4 6.44 2.16 1.40
CB MLE A 4 7.82 1.87 2.07
CG MLE A 4 9.00 1.68 1.10
CD1 MLE A 4 10.32 1.60 1.88
CD2 MLE A 4 8.86 0.41 0.23
C MLE A 4 5.24 2.08 2.39
O MLE A 4 5.41 1.64 3.53
HN1 MLE A 4 5.68 5.01 1.42
HN2 MLE A 4 7.20 5.35 0.57
HN3 MLE A 4 7.22 4.50 2.11
HA MLE A 4 6.26 1.29 0.78
HB2 MLE A 4 7.73 0.96 2.66
HB3 MLE A 4 8.09 2.66 2.78
HG MLE A 4 9.06 2.54 0.43
HD11 MLE A 4 10.31 0.75 2.57
HD12 MLE A 4 10.47 2.52 2.45
HD13 MLE A 4 11.16 1.48 1.19
HD21 MLE A 4 8.75 -0.46 0.86
HD22 MLE A 4 9.72 0.30 -0.41
HD23 MLE A 4 7.97 0.50 -0.41
N VAL A 5 4.02 2.49 1.97
CA VAL A 5 2.79 2.40 2.76
C VAL A 5 1.85 1.38 2.10
N MLE A 6 1.23 0.36 2.82
CN MLE A 6 1.34 0.33 4.30
CA MLE A 6 0.15 -0.48 2.19
CB MLE A 6 0.08 -1.97 2.69
CG MLE A 6 1.23 -2.98 2.60
CD1 MLE A 6 2.64 -2.44 2.87
CD2 MLE A 6 0.98 -4.16 3.57
C MLE A 6 -1.29 0.06 2.33
O MLE A 6 -1.80 0.14 3.45
HN1 MLE A 6 1.10 1.31 4.69
HN2 MLE A 6 2.37 0.10 4.58
HN3 MLE A 6 0.67 -0.40 4.76
HA MLE A 6 0.36 -0.49 1.11
HB2 MLE A 6 -0.79 -2.45 2.25
HB3 MLE A 6 -0.18 -1.93 3.76
HG MLE A 6 1.18 -3.43 1.60
HD11 MLE A 6 3.38 -3.23 2.68
HD12 MLE A 6 2.73 -2.11 3.90
HD13 MLE A 6 2.86 -1.61 2.20
HD21 MLE A 6 1.00 -3.82 4.61
HD22 MLE A 6 1.74 -4.92 3.42
HD23 MLE A 6 -0.01 -4.58 3.36
N ALA A 7 -1.97 0.44 1.25
CA ALA A 7 -3.34 0.97 1.30
C ALA A 7 -4.42 -0.12 1.52
N DAL A 8 -4.05 -1.20 2.20
CA DAL A 8 -4.87 -2.35 2.55
CB DAL A 8 -4.73 -2.55 4.06
C DAL A 8 -4.50 -3.67 1.80
O DAL A 8 -3.32 -4.05 1.77
H DAL A 8 -3.09 -1.24 2.53
HA DAL A 8 -5.92 -2.14 2.34
HB1 DAL A 8 -5.14 -1.68 4.58
HB2 DAL A 8 -3.69 -2.66 4.34
HB3 DAL A 8 -5.27 -3.44 4.36
N MLE A 9 -5.45 -4.46 1.15
CN MLE A 9 -6.90 -4.11 1.07
CA MLE A 9 -5.17 -5.72 0.41
CB MLE A 9 -5.78 -6.92 1.21
CG MLE A 9 -4.82 -7.66 2.16
CD1 MLE A 9 -5.62 -8.67 3.00
CD2 MLE A 9 -3.71 -8.42 1.42
C MLE A 9 -5.51 -5.81 -1.12
O MLE A 9 -6.62 -6.21 -1.49
HN1 MLE A 9 -7.29 -3.91 2.05
HN2 MLE A 9 -7.47 -4.93 0.63
HN3 MLE A 9 -7.02 -3.23 0.43
HA MLE A 9 -4.10 -5.87 0.41
HB2 MLE A 9 -6.23 -7.63 0.52
HB3 MLE A 9 -6.62 -6.57 1.81
HG MLE A 9 -4.36 -6.95 2.84
HD11 MLE A 9 -6.11 -9.41 2.36
HD12 MLE A 9 -6.39 -8.15 3.58
HD13 MLE A 9 -4.96 -9.18 3.69
HD21 MLE A 9 -4.14 -9.13 0.70
HD22 MLE A 9 -3.10 -8.99 2.14
HD23 MLE A 9 -3.04 -7.73 0.90
N MLE A 10 -4.57 -5.47 -2.09
CN MLE A 10 -4.85 -5.54 -3.55
CA MLE A 10 -3.19 -4.96 -1.81
CB MLE A 10 -2.25 -6.20 -1.68
CG MLE A 10 -0.96 -6.15 -0.82
CD1 MLE A 10 0.08 -7.13 -1.39
CD2 MLE A 10 -0.30 -4.77 -0.70
C MLE A 10 -2.55 -3.82 -2.69
O MLE A 10 -1.93 -4.10 -3.71
HN1 MLE A 10 -5.14 -4.55 -3.91
HN2 MLE A 10 -5.65 -6.24 -3.77
HN3 MLE A 10 -3.97 -5.87 -4.09
HA MLE A 10 -3.26 -4.46 -0.83
HB2 MLE A 10 -1.96 -6.42 -2.71
HB3 MLE A 10 -2.81 -7.08 -1.36
HG MLE A 10 -1.16 -6.52 0.20
HD11 MLE A 10 0.39 -6.80 -2.38
HD12 MLE A 10 -0.36 -8.12 -1.48
HD13 MLE A 10 0.94 -7.18 -0.73
HD21 MLE A 10 -0.96 -4.07 -0.20
HD22 MLE A 10 -0.03 -4.40 -1.69
HD23 MLE A 10 0.61 -4.86 -0.11
N MVA A 11 -2.66 -2.47 -2.33
CN MVA A 11 -3.34 -2.02 -1.09
CA MVA A 11 -2.01 -1.35 -3.09
CB MVA A 11 -3.05 -0.36 -3.70
CG1 MVA A 11 -2.48 0.27 -4.99
CG2 MVA A 11 -4.42 -0.97 -4.03
C MVA A 11 -0.89 -0.49 -2.45
O MVA A 11 -1.17 0.13 -1.42
HN1 MVA A 11 -2.68 -2.18 -0.23
HN2 MVA A 11 -3.58 -0.96 -1.14
HN3 MVA A 11 -4.28 -2.55 -0.95
HA MVA A 11 -1.55 -1.83 -3.96
HB MVA A 11 -3.19 0.46 -2.99
HG11 MVA A 11 -2.29 -0.49 -5.74
HG12 MVA A 11 -3.19 0.99 -5.40
HG13 MVA A 11 -1.56 0.82 -4.77
HG21 MVA A 11 -5.04 -0.23 -4.54
HG22 MVA A 11 -4.29 -1.85 -4.66
HG23 MVA A 11 -4.92 -1.25 -3.11
N BMT A 1 0.40 -0.40 -2.92
CN BMT A 1 0.95 -1.07 -4.12
CA BMT A 1 1.37 0.54 -2.22
C BMT A 1 1.43 2.03 -2.59
O BMT A 1 1.44 2.41 -3.76
CB BMT A 1 2.82 0.04 -1.96
OG1 BMT A 1 3.59 -0.29 -3.11
CG2 BMT A 1 2.87 -1.05 -0.86
CD1 BMT A 1 4.27 -1.14 -0.25
CD2 BMT A 1 2.29 -2.42 -1.22
CE BMT A 1 3.14 -3.26 -2.17
CZ BMT A 1 3.72 -4.40 -1.75
CH BMT A 1 4.56 -5.24 -2.68
HN1 BMT A 1 0.17 -1.30 -4.86
HN2 BMT A 1 1.67 -0.43 -4.63
HN3 BMT A 1 1.43 -2.01 -3.83
HA BMT A 1 1.02 0.54 -1.19
HB BMT A 1 3.32 0.90 -1.50
HG1 BMT A 1 4.51 -0.37 -2.87
HG2 BMT A 1 2.24 -0.69 -0.05
HD11 BMT A 1 5.01 -1.36 -1.00
HD12 BMT A 1 4.47 -0.18 0.24
HD13 BMT A 1 4.28 -1.92 0.52
HD22 BMT A 1 1.27 -2.32 -1.60
HD23 BMT A 1 2.18 -2.95 -0.28
HE BMT A 1 3.30 -2.93 -3.19
HZ BMT A 1 3.57 -4.73 -0.72
HH1 BMT A 1 5.57 -5.32 -2.27
HH2 BMT A 1 4.15 -6.24 -2.76
HH3 BMT A 1 4.60 -4.79 -3.67
N ABA A 2 1.50 2.89 -1.57
CA ABA A 2 1.77 4.32 -1.69
C ABA A 2 3.26 4.53 -1.29
O ABA A 2 3.56 4.60 -0.09
CB ABA A 2 0.76 5.05 -0.78
CG ABA A 2 0.95 6.57 -0.84
H ABA A 2 1.37 2.56 -0.62
HA ABA A 2 1.66 4.63 -2.73
HB3 ABA A 2 0.89 4.73 0.24
HB2 ABA A 2 -0.28 4.83 -1.05
HG1 ABA A 2 0.19 7.05 -0.22
HG3 ABA A 2 1.94 6.80 -0.45
HG2 ABA A 2 0.86 6.93 -1.86
N SAR A 3 4.29 4.61 -2.23
CA SAR A 3 5.71 4.48 -1.76
C SAR A 3 6.03 3.24 -0.89
O SAR A 3 5.90 2.13 -1.40
CN SAR A 3 4.14 4.38 -3.68
HA2 SAR A 3 5.95 5.37 -1.20
HA3 SAR A 3 6.39 4.46 -2.61
HN1 SAR A 3 4.08 3.30 -3.87
HN2 SAR A 3 4.99 4.79 -4.22
HN3 SAR A 3 3.24 4.85 -4.07
N MLE A 4 6.45 3.33 0.44
CN MLE A 4 6.58 4.61 1.19
CA MLE A 4 6.39 2.15 1.36
CB MLE A 4 7.78 1.85 1.99
CG MLE A 4 8.93 1.64 0.97
CD1 MLE A 4 10.26 1.53 1.72
CD2 MLE A 4 8.73 0.39 0.10
C MLE A 4 5.21 2.05 2.36
O MLE A 4 5.39 1.63 3.50
HN1 MLE A 4 7.13 5.35 0.59
HN2 MLE A 4 7.14 4.47 2.11
HN3 MLE A 4 5.60 4.99 1.43
HA MLE A 4 6.20 1.27 0.73
HB2 MLE A 4 7.70 0.94 2.59
HB3 MLE A 4 8.09 2.63 2.68
HG MLE A 4 8.99 2.52 0.32
HD11 MLE A 4 10.25 0.67 2.39
HD12 MLE A 4 10.43 2.43 2.32
HD13 MLE A 4 11.08 1.42 1.01
HD21 MLE A 4 8.65 -0.51 0.72
HD22 MLE A 4 9.60 0.27 -0.56
HD23 MLE A 4 7.84 0.49 -0.52
N VAL A 5 3.98 2.46 1.97
CA VAL A 5 2.76 2.36 2.79
C VAL A 5 1.80 1.37 2.12
N MLE A 6 1.23 0.31 2.79
CN MLE A 6 1.38 0.22 4.26
CA MLE A 6 0.12 -0.50 2.16
CB MLE A 6 0.00 -1.99 2.64
CG MLE A 6 1.13 -3.05 2.56
CD1 MLE A 6 2.55 -2.57 2.87
CD2 MLE A 6 0.80 -4.23 3.48
C MLE A 6 -1.32 0.07 2.31
O MLE A 6 -1.82 0.18 3.42
HN1 MLE A 6 0.82 -0.60 4.72
HN2 MLE A 6 1.07 1.16 4.72
HN3 MLE A 6 2.44 0.08 4.50
HA MLE A 6 0.33 -0.49 1.09
HB2 MLE A 6 -0.86 -2.46 2.17
HB3 MLE A 6 -0.28 -1.98 3.69
HG MLE A 6 1.09 -3.46 1.55
HD11 MLE A 6 2.62 -2.28 3.91
HD12 MLE A 6 2.80 -1.71 2.24
HD13 MLE A 6 3.26 -3.37 2.66
HD21 MLE A 6 -0.19 -4.63 3.23
HD22 MLE A 6 0.80 -3.92 4.52
HD23 MLE A 6 1.53 -5.02 3.33
N ALA A 7 -1.99 0.45 1.21
CA ALA A 7 -3.36 0.99 1.24
C ALA A 7 -4.45 -0.09 1.48
N DAL A 8 -4.08 -1.17 2.17
CA DAL A 8 -4.91 -2.33 2.51
CB DAL A 8 -4.83 -2.48 4.03
C DAL A 8 -4.51 -3.65 1.79
O DAL A 8 -3.33 -4.01 1.78
H DAL A 8 -3.13 -1.21 2.52
HA DAL A 8 -5.95 -2.10 2.26
HB1 DAL A 8 -5.24 -1.60 4.53
HB2 DAL A 8 -3.79 -2.62 4.34
HB3 DAL A 8 -5.39 -3.37 4.31
N MLE A 9 -5.45 -4.47 1.17
CN MLE A 9 -6.89 -4.14 1.05
CA MLE A 9 -5.13 -5.74 0.45
CB MLE A 9 -5.74 -6.95 1.25
CG MLE A 9 -4.78 -7.68 2.20
CD1 MLE A 9 -5.58 -8.69 3.02
CD2 MLE A 9 -3.67 -8.43 1.44
C MLE A 9 -5.47 -5.85 -1.08
O MLE A 9 -6.58 -6.24 -1.45
HN1 MLE A 9 -7.03 -3.28 0.38
HN2 MLE A 9 -7.31 -3.91 2.03
HN3 MLE A 9 -7.46 -4.98 0.66
HA MLE A 9 -4.05 -5.89 0.44
HB2 MLE A 9 -6.20 -7.65 0.55
HB3 MLE A 9 -6.57 -6.58 1.86
HG MLE A 9 -4.32 -6.97 2.88
HD11 MLE A 9 -6.36 -8.18 3.59
HD12 MLE A 9 -4.92 -9.18 3.74
HD13 MLE A 9 -6.04 -9.45 2.39
HD21 MLE A 9 -2.99 -7.73 0.96
HD22 MLE A 9 -4.11 -9.09 0.69
HD23 MLE A 9 -3.08 -9.03 2.14
N MLE A 10 -4.53 -5.52 -2.06
CN MLE A 10 -4.82 -5.59 -3.52
CA MLE A 10 -3.15 -5.00 -1.77
CB MLE A 10 -2.22 -6.25 -1.65
CG MLE A 10 -0.92 -6.21 -0.79
CD1 MLE A 10 0.07 -7.25 -1.36
CD2 MLE A 10 -0.21 -4.85 -0.74
C MLE A 10 -2.52 -3.87 -2.66
O MLE A 10 -1.89 -4.17 -3.68
HN1 MLE A 10 -5.16 -4.60 -3.86
HN2 MLE A 10 -5.60 -6.31 -3.73
HN3 MLE A 10 -3.92 -5.87 -4.07
HA MLE A 10 -3.22 -4.50 -0.81
HB2 MLE A 10 -1.94 -6.48 -2.68
HB3 MLE A 10 -2.78 -7.12 -1.33
HG MLE A 10 -1.12 -6.54 0.23
HD11 MLE A 10 0.96 -7.29 -0.74
HD12 MLE A 10 0.36 -6.98 -2.37
HD13 MLE A 10 -0.40 -8.23 -1.37
HD21 MLE A 10 0.05 -4.53 -1.74
HD22 MLE A 10 0.70 -4.95 -0.15
HD23 MLE A 10 -0.86 -4.12 -0.26
N MVA A 11 -2.64 -2.52 -2.32
CN MVA A 11 -3.32 -2.06 -1.10
CA MVA A 11 -1.99 -1.41 -3.10
CB MVA A 11 -3.04 -0.44 -3.74
CG1 MVA A 11 -2.47 0.22 -5.01
CG2 MVA A 11 -4.39 -1.08 -4.07
C MVA A 11 -0.89 -0.53 -2.44
O MVA A 11 -1.19 0.10 -1.43
HN1 MVA A 11 -3.57 -0.99 -1.16
HN2 MVA A 11 -4.26 -2.59 -0.95
HN3 MVA A 11 -2.67 -2.22 -0.23
HA MVA A 11 -1.51 -1.88 -3.96
HB MVA A 11 -3.22 0.37 -3.03
HG11 MVA A 11 -3.18 0.94 -5.40
HG12 MVA A 11 -1.55 0.76 -4.78
HG13 MVA A 11 -2.26 -0.54 -5.76
HG21 MVA A 11 -4.89 -1.38 -3.15
HG22 MVA A 11 -5.02 -0.35 -4.58
HG23 MVA A 11 -4.24 -1.95 -4.71
N BMT A 1 0.37 -0.37 -2.90
CN BMT A 1 0.88 -1.01 -4.13
CA BMT A 1 1.37 0.54 -2.21
C BMT A 1 1.48 2.04 -2.58
O BMT A 1 1.45 2.42 -3.75
CB BMT A 1 2.81 0.02 -1.97
OG1 BMT A 1 3.56 -0.29 -3.14
CG2 BMT A 1 2.85 -1.09 -0.90
CD1 BMT A 1 4.26 -1.22 -0.30
CD2 BMT A 1 2.24 -2.44 -1.26
CE BMT A 1 3.06 -3.27 -2.25
CZ BMT A 1 3.67 -4.41 -1.84
CH BMT A 1 4.48 -5.25 -2.81
HN1 BMT A 1 1.64 -0.40 -4.61
HN2 BMT A 1 1.30 -1.99 -3.86
HN3 BMT A 1 0.07 -1.15 -4.85
HA BMT A 1 1.03 0.55 -1.18
HB BMT A 1 3.34 0.85 -1.51
HG1 BMT A 1 4.48 -0.43 -2.91
HG2 BMT A 1 2.24 -0.74 -0.07
HD11 BMT A 1 4.99 -1.48 -1.07
HD12 BMT A 1 4.51 -0.26 0.16
HD13 BMT A 1 4.24 -1.99 0.47
HD22 BMT A 1 1.21 -2.30 -1.59
HD23 BMT A 1 2.15 -2.99 -0.33
HE BMT A 1 3.15 -2.95 -3.28
HZ BMT A 1 3.57 -4.74 -0.81
HH1 BMT A 1 4.06 -6.25 -2.84
HH2 BMT A 1 4.47 -4.81 -3.80
HH3 BMT A 1 5.50 -5.32 -2.44
N ABA A 2 1.59 2.89 -1.56
CA ABA A 2 1.90 4.33 -1.71
C ABA A 2 3.39 4.54 -1.32
O ABA A 2 3.69 4.68 -0.13
CB ABA A 2 0.91 5.21 -0.95
CG ABA A 2 -0.56 4.92 -1.25
H ABA A 2 1.48 2.53 -0.62
HA ABA A 2 1.78 4.61 -2.76
HB3 ABA A 2 1.11 6.25 -1.21
HB2 ABA A 2 1.09 5.12 0.12
HG1 ABA A 2 -0.81 3.91 -0.90
HG3 ABA A 2 -1.20 5.65 -0.75
HG2 ABA A 2 -0.74 4.98 -2.33
N SAR A 3 4.41 4.59 -2.26
CA SAR A 3 5.83 4.43 -1.77
C SAR A 3 6.12 3.20 -0.87
O SAR A 3 5.96 2.07 -1.35
CN SAR A 3 4.26 4.31 -3.70
HA2 SAR A 3 6.09 5.33 -1.23
HA3 SAR A 3 6.52 4.36 -2.62
HN1 SAR A 3 4.17 3.23 -3.86
HN2 SAR A 3 5.12 4.67 -4.27
HN3 SAR A 3 3.37 4.80 -4.10
N MLE A 4 6.54 3.32 0.45
CN MLE A 4 6.69 4.61 1.17
CA MLE A 4 6.44 2.15 1.41
CB MLE A 4 7.83 1.85 2.06
CG MLE A 4 8.98 1.58 1.07
CD1 MLE A 4 10.30 1.45 1.85
CD2 MLE A 4 8.76 0.32 0.22
C MLE A 4 5.25 2.11 2.40
O MLE A 4 5.42 1.70 3.55
HN1 MLE A 4 7.27 5.31 0.55
HN2 MLE A 4 7.23 4.49 2.11
HN3 MLE A 4 5.71 5.04 1.38
HA MLE A 4 6.25 1.26 0.81
HB2 MLE A 4 7.72 0.95 2.69
HB3 MLE A 4 8.14 2.65 2.74
HG MLE A 4 9.07 2.45 0.40
HD11 MLE A 4 10.50 2.36 2.41
HD12 MLE A 4 11.12 1.28 1.15
HD13 MLE A 4 10.24 0.61 2.54
HD21 MLE A 4 8.65 -0.55 0.88
HD22 MLE A 4 9.62 0.16 -0.44
HD23 MLE A 4 7.88 0.42 -0.40
N VAL A 5 4.03 2.52 1.96
CA VAL A 5 2.80 2.46 2.76
C VAL A 5 1.86 1.43 2.11
N MLE A 6 1.22 0.44 2.85
CN MLE A 6 1.31 0.42 4.32
CA MLE A 6 0.18 -0.46 2.23
CB MLE A 6 0.19 -1.95 2.77
CG MLE A 6 1.39 -2.91 2.66
CD1 MLE A 6 2.78 -2.31 2.92
CD2 MLE A 6 1.18 -4.09 3.62
C MLE A 6 -1.29 0.02 2.39
O MLE A 6 -1.82 0.01 3.49
HN1 MLE A 6 0.55 -0.21 4.79
HN2 MLE A 6 1.15 1.44 4.69
HN3 MLE A 6 2.30 0.09 4.63
HA MLE A 6 0.38 -0.47 1.16
HB2 MLE A 6 -0.67 -2.47 2.35
HB3 MLE A 6 -0.03 -1.92 3.83
HG MLE A 6 1.35 -3.35 1.67
HD11 MLE A 6 2.94 -1.45 2.27
HD12 MLE A 6 3.55 -3.05 2.70
HD13 MLE A 6 2.87 -1.99 3.95
HD21 MLE A 6 1.23 -3.76 4.65
HD22 MLE A 6 1.95 -4.85 3.46
HD23 MLE A 6 0.22 -4.55 3.43
N ALA A 7 -1.95 0.45 1.30
CA ALA A 7 -3.32 0.97 1.35
C ALA A 7 -4.41 -0.11 1.56
N DAL A 8 -4.05 -1.25 2.14
CA DAL A 8 -4.93 -2.39 2.44
CB DAL A 8 -4.98 -2.55 3.97
C DAL A 8 -4.54 -3.72 1.76
O DAL A 8 -3.37 -4.11 1.79
H DAL A 8 -3.07 -1.32 2.41
HA DAL A 8 -5.94 -2.13 2.12
HB1 DAL A 8 -4.00 -2.78 4.36
HB2 DAL A 8 -5.67 -3.35 4.23
HB3 DAL A 8 -5.35 -1.62 4.42
N MLE A 9 -5.48 -4.51 1.09
CN MLE A 9 -6.91 -4.14 0.92
CA MLE A 9 -5.19 -5.79 0.36
CB MLE A 9 -5.82 -6.98 1.16
CG MLE A 9 -4.87 -7.72 2.12
CD1 MLE A 9 -5.68 -8.73 2.93
CD2 MLE A 9 -3.74 -8.47 1.40
C MLE A 9 -5.49 -5.90 -1.17
O MLE A 9 -6.58 -6.31 -1.55
HN1 MLE A 9 -7.00 -3.32 0.22
HN2 MLE A 9 -7.34 -3.86 1.88
HN3 MLE A 9 -7.47 -4.99 0.54
HA MLE A 9 -4.11 -5.93 0.39
HB2 MLE A 9 -6.25 -7.69 0.46
HB3 MLE A 9 -6.65 -6.61 1.76
HG MLE A 9 -4.43 -7.02 2.83
HD11 MLE A 9 -6.46 -8.23 3.50
HD12 MLE A 9 -5.03 -9.25 3.63
HD13 MLE A 9 -6.14 -9.47 2.27
HD21 MLE A 9 -3.17 -9.06 2.12
HD22 MLE A 9 -3.05 -7.77 0.92
HD23 MLE A 9 -4.16 -9.13 0.63
N MLE A 10 -4.55 -5.52 -2.12
CN MLE A 10 -4.79 -5.60 -3.59
CA MLE A 10 -3.19 -4.97 -1.81
CB MLE A 10 -2.21 -6.18 -1.67
CG MLE A 10 -0.95 -6.11 -0.77
CD1 MLE A 10 0.15 -7.00 -1.37
CD2 MLE A 10 -0.37 -4.70 -0.57
C MLE A 10 -2.56 -3.81 -2.66
O MLE A 10 -1.95 -4.08 -3.70
HN1 MLE A 10 -5.57 -6.32 -3.83
HN2 MLE A 10 -3.88 -5.92 -4.10
HN3 MLE A 10 -5.09 -4.62 -3.96
HA MLE A 10 -3.29 -4.48 -0.84
HB2 MLE A 10 -1.90 -6.40 -2.69
HB3 MLE A 10 -2.77 -7.07 -1.38
HG MLE A 10 -1.17 -6.52 0.20
HD11 MLE A 10 0.47 -6.62 -2.34
HD12 MLE A 10 -0.22 -8.02 -1.49
HD13 MLE A 10 1.01 -7.02 -0.70
HD21 MLE A 10 -1.10 -4.05 -0.08
HD22 MLE A 10 -0.08 -4.29 -1.54
HD23 MLE A 10 0.52 -4.76 0.06
N MVA A 11 -2.68 -2.47 -2.29
CN MVA A 11 -3.33 -2.03 -1.04
CA MVA A 11 -2.04 -1.34 -3.05
CB MVA A 11 -3.08 -0.34 -3.62
CG1 MVA A 11 -2.54 0.29 -4.92
CG2 MVA A 11 -4.47 -0.94 -3.93
C MVA A 11 -0.92 -0.49 -2.40
O MVA A 11 -1.18 0.12 -1.37
HN1 MVA A 11 -2.69 -2.22 -0.19
HN2 MVA A 11 -3.57 -0.96 -1.07
HN3 MVA A 11 -4.28 -2.56 -0.91
HA MVA A 11 -1.59 -1.81 -3.93
HB MVA A 11 -3.22 0.47 -2.91
HG11 MVA A 11 -1.60 0.81 -4.73
HG12 MVA A 11 -2.40 -0.48 -5.68
HG13 MVA A 11 -3.26 1.02 -5.31
HG21 MVA A 11 -5.09 -0.21 -4.45
HG22 MVA A 11 -4.36 -1.84 -4.52
HG23 MVA A 11 -4.97 -1.18 -2.99
N BMT A 1 0.42 -0.43 -2.91
CN BMT A 1 0.94 -1.13 -4.10
CA BMT A 1 1.39 0.52 -2.23
C BMT A 1 1.43 2.01 -2.60
O BMT A 1 1.40 2.39 -3.77
CB BMT A 1 2.84 0.03 -1.98
OG1 BMT A 1 3.60 -0.31 -3.14
CG2 BMT A 1 2.91 -1.03 -0.87
CD1 BMT A 1 4.32 -1.07 -0.27
CD2 BMT A 1 2.36 -2.41 -1.20
CE BMT A 1 3.21 -3.26 -2.13
CZ BMT A 1 3.84 -4.37 -1.67
CH BMT A 1 4.67 -5.22 -2.61
HN1 BMT A 1 1.68 -0.50 -4.62
HN2 BMT A 1 1.40 -2.07 -3.80
HN3 BMT A 1 0.15 -1.31 -4.83
HA BMT A 1 1.05 0.53 -1.20
HB BMT A 1 3.34 0.91 -1.55
HG1 BMT A 1 4.52 -0.39 -2.90
HG2 BMT A 1 2.29 -0.68 -0.05
HD11 BMT A 1 4.53 -0.10 0.16
HD12 BMT A 1 4.34 -1.82 0.53
HD13 BMT A 1 5.06 -1.34 -1.04
HD22 BMT A 1 1.33 -2.32 -1.56
HD23 BMT A 1 2.26 -2.93 -0.23
HE BMT A 1 3.32 -2.97 -3.16
HZ BMT A 1 3.75 -4.67 -0.63
HH1 BMT A 1 5.70 -5.27 -2.23
HH2 BMT A 1 4.27 -6.23 -2.63
HH3 BMT A 1 4.68 -4.80 -3.61
N ABA A 2 1.52 2.87 -1.59
CA ABA A 2 1.77 4.31 -1.72
C ABA A 2 3.26 4.53 -1.33
O ABA A 2 3.56 4.64 -0.13
CB ABA A 2 0.74 5.02 -0.82
CG ABA A 2 0.92 6.54 -0.89
H ABA A 2 1.42 2.53 -0.64
HA ABA A 2 1.65 4.62 -2.76
HB3 ABA A 2 0.89 4.71 0.22
HB2 ABA A 2 -0.29 4.76 -1.07
HG1 ABA A 2 0.16 7.02 -0.28
HG3 ABA A 2 1.90 6.79 -0.51
HG2 ABA A 2 0.81 6.87 -1.92
N SAR A 3 4.29 4.63 -2.26
CA SAR A 3 5.71 4.51 -1.80
C SAR A 3 6.04 3.28 -0.92
O SAR A 3 5.92 2.16 -1.42
CN SAR A 3 4.13 4.40 -3.71
HA2 SAR A 3 5.94 5.41 -1.24
HA3 SAR A 3 6.40 4.50 -2.65
HN1 SAR A 3 4.07 3.33 -3.90
HN2 SAR A 3 4.98 4.80 -4.26
HN3 SAR A 3 3.22 4.86 -4.08
N MLE A 4 6.45 3.39 0.40
CN MLE A 4 6.57 4.67 1.14
CA MLE A 4 6.41 2.21 1.34
CB MLE A 4 7.82 1.92 1.96
CG MLE A 4 8.95 1.70 0.94
CD1 MLE A 4 10.29 1.59 1.68
CD2 MLE A 4 8.75 0.43 0.10
C MLE A 4 5.25 2.12 2.35
O MLE A 4 5.45 1.71 3.50
HN1 MLE A 4 7.10 4.54 2.09
HN2 MLE A 4 5.58 5.06 1.34
HN3 MLE A 4 7.13 5.40 0.53
HA MLE A 4 6.23 1.32 0.72
HB2 MLE A 4 7.74 1.02 2.57
HB3 MLE A 4 8.13 2.72 2.63
HG MLE A 4 9.01 2.56 0.27
HD11 MLE A 4 11.10 1.48 0.96
HD12 MLE A 4 10.30 0.75 2.36
HD13 MLE A 4 10.46 2.51 2.25
HD21 MLE A 4 9.60 0.28 -0.56
HD22 MLE A 4 7.86 0.51 -0.52
HD23 MLE A 4 8.65 -0.44 0.76
N VAL A 5 4.01 2.49 1.96
CA VAL A 5 2.79 2.38 2.77
C VAL A 5 1.84 1.38 2.10
N MLE A 6 1.27 0.32 2.78
CN MLE A 6 1.43 0.23 4.25
CA MLE A 6 0.17 -0.50 2.16
CB MLE A 6 0.06 -1.99 2.65
CG MLE A 6 1.19 -3.03 2.55
CD1 MLE A 6 2.62 -2.54 2.83
CD2 MLE A 6 0.88 -4.23 3.48
C MLE A 6 -1.27 0.07 2.32
O MLE A 6 -1.79 0.12 3.43
HN1 MLE A 6 1.05 1.15 4.69
HN2 MLE A 6 2.49 0.15 4.50
HN3 MLE A 6 0.90 -0.61 4.71
HA MLE A 6 0.38 -0.49 1.09
HB2 MLE A 6 -0.81 -2.45 2.17
HB3 MLE A 6 -0.22 -1.98 3.70
HG MLE A 6 1.15 -3.44 1.55
HD11 MLE A 6 2.71 -2.24 3.89
HD12 MLE A 6 2.85 -1.69 2.21
HD13 MLE A 6 3.33 -3.34 2.64
HD21 MLE A 6 1.61 -5.02 3.33
HD22 MLE A 6 -0.11 -4.63 3.26
HD23 MLE A 6 0.91 -3.91 4.53
N ALA A 7 -1.94 0.48 1.24
CA ALA A 7 -3.28 1.08 1.30
C ALA A 7 -4.41 0.06 1.56
N DAL A 8 -4.08 -1.09 2.16
CA DAL A 8 -5.01 -2.20 2.45
CB DAL A 8 -5.27 -2.30 3.96
C DAL A 8 -4.57 -3.57 1.85
O DAL A 8 -3.39 -3.94 1.92
H DAL A 8 -3.12 -1.17 2.44
HA DAL A 8 -5.97 -1.95 2.01
HB1 DAL A 8 -6.11 -2.97 4.14
HB2 DAL A 8 -5.51 -1.32 4.36
HB3 DAL A 8 -4.39 -2.72 4.47
N MLE A 9 -5.47 -4.41 1.22
CN MLE A 9 -6.92 -4.09 1.02
CA MLE A 9 -5.14 -5.73 0.58
CB MLE A 9 -5.72 -6.87 1.46
CG MLE A 9 -5.26 -8.28 1.09
CD1 MLE A 9 -3.80 -8.55 1.48
CD2 MLE A 9 -6.16 -9.32 1.78
C MLE A 9 -5.44 -5.94 -0.94
O MLE A 9 -6.53 -6.40 -1.30
HN1 MLE A 9 -7.37 -3.84 1.97
HN2 MLE A 9 -7.45 -4.92 0.57
HN3 MLE A 9 -7.00 -3.23 0.35
HA MLE A 9 -4.05 -5.86 0.64
HB2 MLE A 9 -6.81 -6.84 1.36
HB3 MLE A 9 -5.47 -6.67 2.50
HG MLE A 9 -5.38 -8.41 0.01
HD11 MLE A 9 -3.13 -7.83 0.99
HD12 MLE A 9 -3.52 -9.55 1.17
HD13 MLE A 9 -3.68 -8.45 2.56
HD21 MLE A 9 -6.11 -9.19 2.86
HD22 MLE A 9 -5.83 -10.33 1.53
HD23 MLE A 9 -7.20 -9.21 1.46
N MLE A 10 -4.51 -5.60 -1.93
CN MLE A 10 -4.77 -5.75 -3.38
CA MLE A 10 -3.16 -5.02 -1.64
CB MLE A 10 -2.19 -6.24 -1.47
CG MLE A 10 -0.88 -6.16 -0.64
CD1 MLE A 10 0.07 -7.27 -1.11
CD2 MLE A 10 -0.15 -4.81 -0.73
C MLE A 10 -2.54 -3.91 -2.54
O MLE A 10 -1.95 -4.22 -3.58
HN1 MLE A 10 -5.07 -4.78 -3.79
HN2 MLE A 10 -5.55 -6.48 -3.56
HN3 MLE A 10 -3.87 -6.08 -3.90
HA MLE A 10 -3.25 -4.51 -0.69
HB2 MLE A 10 -1.91 -6.50 -2.50
HB3 MLE A 10 -2.73 -7.12 -1.13
HG MLE A 10 -1.08 -6.36 0.41
HD11 MLE A 10 0.37 -7.09 -2.15
HD12 MLE A 10 -0.42 -8.24 -1.04
HD13 MLE A 10 0.96 -7.28 -0.48
HD21 MLE A 10 0.09 -4.58 -1.77
HD22 MLE A 10 0.78 -4.88 -0.17
HD23 MLE A 10 -0.76 -4.02 -0.30
N MVA A 11 -2.63 -2.56 -2.23
CN MVA A 11 -3.27 -2.05 -0.98
CA MVA A 11 -1.99 -1.45 -3.04
CB MVA A 11 -3.04 -0.47 -3.65
CG1 MVA A 11 -2.51 0.13 -4.96
CG2 MVA A 11 -4.41 -1.13 -3.95
C MVA A 11 -0.89 -0.56 -2.41
O MVA A 11 -1.17 0.09 -1.40
HN1 MVA A 11 -2.60 -2.20 -0.13
HN2 MVA A 11 -3.52 -0.99 -1.05
HN3 MVA A 11 -4.20 -2.58 -0.82
HA MVA A 11 -1.53 -1.94 -3.89
HB MVA A 11 -3.20 0.34 -2.95
HG11 MVA A 11 -2.33 -0.66 -5.70
HG12 MVA A 11 -3.23 0.85 -5.36
HG13 MVA A 11 -1.57 0.66 -4.78
HG21 MVA A 11 -4.28 -2.02 -4.55
HG22 MVA A 11 -4.91 -1.38 -3.02
HG23 MVA A 11 -5.05 -0.43 -4.49
N BMT A 1 0.40 -0.38 -2.94
CN BMT A 1 0.89 -1.06 -4.14
CA BMT A 1 1.40 0.51 -2.23
C BMT A 1 1.53 2.01 -2.57
O BMT A 1 1.56 2.40 -3.75
CB BMT A 1 2.84 -0.03 -2.00
OG1 BMT A 1 3.58 -0.39 -3.16
CG2 BMT A 1 2.87 -1.13 -0.91
CD1 BMT A 1 4.28 -1.26 -0.34
CD2 BMT A 1 2.23 -2.46 -1.25
CE BMT A 1 3.04 -3.34 -2.21
CZ BMT A 1 3.50 -4.55 -1.82
CH BMT A 1 4.30 -5.42 -2.77
HN1 BMT A 1 0.11 -1.23 -4.87
HN2 BMT A 1 1.64 -0.45 -4.66
HN3 BMT A 1 1.33 -2.01 -3.85
HA BMT A 1 1.07 0.53 -1.20
HB BMT A 1 3.37 0.80 -1.55
HG1 BMT A 1 3.66 0.37 -3.74
HG2 BMT A 1 2.28 -0.74 -0.07
HD11 BMT A 1 4.28 -2.07 0.41
HD12 BMT A 1 4.99 -1.48 -1.13
HD13 BMT A 1 4.53 -0.33 0.15
HD22 BMT A 1 1.22 -2.31 -1.62
HD23 BMT A 1 2.09 -2.99 -0.31
HE BMT A 1 3.25 -2.98 -3.21
HZ BMT A 1 3.30 -4.90 -0.82
HH1 BMT A 1 5.28 -5.61 -2.33
HH2 BMT A 1 3.79 -6.37 -2.93
HH3 BMT A 1 4.43 -4.93 -3.73
N ABA A 2 1.60 2.87 -1.56
CA ABA A 2 1.89 4.31 -1.70
C ABA A 2 3.36 4.56 -1.29
O ABA A 2 3.65 4.70 -0.11
CB ABA A 2 0.88 5.18 -0.94
CG ABA A 2 -0.58 4.85 -1.24
H ABA A 2 1.47 2.50 -0.62
HA ABA A 2 1.77 4.60 -2.74
HB3 ABA A 2 1.06 6.22 -1.22
HB2 ABA A 2 1.05 5.11 0.13
HG1 ABA A 2 -1.24 5.56 -0.72
HG3 ABA A 2 -0.76 4.91 -2.31
HG2 ABA A 2 -0.83 3.85 -0.89
N SAR A 3 4.41 4.63 -2.23
CA SAR A 3 5.82 4.51 -1.74
C SAR A 3 6.13 3.28 -0.86
O SAR A 3 6.03 2.16 -1.35
CN SAR A 3 4.27 4.34 -3.67
HA2 SAR A 3 6.05 5.41 -1.18
HA3 SAR A 3 6.52 4.50 -2.57
HN1 SAR A 3 3.38 4.82 -4.08
HN2 SAR A 3 4.19 3.27 -3.82
HN3 SAR A 3 5.13 4.71 -4.23
N MLE A 4 6.52 3.39 0.48
CN MLE A 4 6.64 4.67 1.22
CA MLE A 4 6.45 2.21 1.40
CB MLE A 4 7.83 1.90 2.07
CG MLE A 4 9.00 1.70 1.08
CD1 MLE A 4 10.31 1.59 1.85
CD2 MLE A 4 8.82 0.44 0.21
C MLE A 4 5.24 2.13 2.40
O MLE A 4 5.41 1.70 3.54
HN1 MLE A 4 5.66 5.08 1.43
HN2 MLE A 4 7.20 5.40 0.62
HN3 MLE A 4 7.18 4.55 2.16
HA MLE A 4 6.27 1.32 0.79
HB2 MLE A 4 7.73 0.99 2.67
HB3 MLE A 4 8.12 2.70 2.77
HG MLE A 4 9.06 2.57 0.41
HD11 MLE A 4 10.30 0.73 2.50
HD12 MLE A 4 10.48 2.50 2.43
HD13 MLE A 4 11.14 1.48 1.15
HD21 MLE A 4 9.68 0.31 -0.44
HD22 MLE A 4 7.94 0.52 -0.42
HD23 MLE A 4 8.73 -0.45 0.85
N VAL A 5 4.03 2.52 1.96
CA VAL A 5 2.79 2.43 2.75
C VAL A 5 1.86 1.41 2.10
N MLE A 6 1.26 0.39 2.82
CN MLE A 6 1.37 0.38 4.31
CA MLE A 6 0.20 -0.50 2.21
CB MLE A 6 0.18 -1.98 2.75
CG MLE A 6 1.36 -2.97 2.66
CD1 MLE A 6 2.75 -2.38 2.86
CD2 MLE A 6 1.15 -4.10 3.68
C MLE A 6 -1.25 0.00 2.35
O MLE A 6 -1.78 0.01 3.47
HN1 MLE A 6 1.13 1.36 4.70
HN2 MLE A 6 2.40 0.14 4.60
HN3 MLE A 6 0.70 -0.35 4.79
HA MLE A 6 0.41 -0.51 1.14
HB2 MLE A 6 -0.66 -2.50 2.31
HB3 MLE A 6 -0.07 -1.94 3.82
HG MLE A 6 1.30 -3.45 1.69
HD11 MLE A 6 2.87 -2.03 3.89
HD12 MLE A 6 2.94 -1.56 2.18
HD13 MLE A 6 3.50 -3.15 2.67
HD21 MLE A 6 0.17 -4.56 3.54
HD22 MLE A 6 1.23 -3.72 4.70
HD23 MLE A 6 1.91 -4.87 3.55
N ALA A 7 -1.92 0.42 1.27
CA ALA A 7 -3.28 0.99 1.34
C ALA A 7 -4.38 -0.09 1.54
N DAL A 8 -4.03 -1.22 2.15
CA DAL A 8 -4.92 -2.36 2.45
CB DAL A 8 -5.00 -2.52 3.97
C DAL A 8 -4.53 -3.70 1.77
O DAL A 8 -3.36 -4.08 1.79
H DAL A 8 -3.07 -1.30 2.45
HA DAL A 8 -5.93 -2.09 2.11
HB1 DAL A 8 -4.03 -2.77 4.37
HB2 DAL A 8 -5.70 -3.32 4.21
HB3 DAL A 8 -5.35 -1.60 4.43
N MLE A 9 -5.47 -4.49 1.11
CN MLE A 9 -6.90 -4.12 0.95
CA MLE A 9 -5.18 -5.77 0.38
CB MLE A 9 -5.81 -6.96 1.18
CG MLE A 9 -4.87 -7.71 2.15
CD1 MLE A 9 -5.70 -8.72 2.97
CD2 MLE A 9 -3.77 -8.49 1.40
C MLE A 9 -5.50 -5.87 -1.14
O MLE A 9 -6.59 -6.29 -1.53
HN1 MLE A 9 -7.00 -3.29 0.25
HN2 MLE A 9 -7.32 -3.86 1.92
HN3 MLE A 9 -7.47 -4.97 0.56
HA MLE A 9 -4.10 -5.93 0.40
HB2 MLE A 9 -6.27 -7.67 0.49
HB3 MLE A 9 -6.64 -6.57 1.77
HG MLE A 9 -4.41 -7.01 2.84
HD11 MLE A 9 -6.47 -8.19 3.53
HD12 MLE A 9 -5.05 -9.25 3.67
HD13 MLE A 9 -6.17 -9.44 2.31
HD21 MLE A 9 -3.19 -9.08 2.12
HD22 MLE A 9 -3.08 -7.80 0.92
HD23 MLE A 9 -4.20 -9.15 0.67
N MLE A 10 -4.57 -5.50 -2.11
CN MLE A 10 -4.83 -5.55 -3.56
CA MLE A 10 -3.19 -4.95 -1.81
CB MLE A 10 -2.23 -6.19 -1.70
CG MLE A 10 -0.95 -6.12 -0.82
CD1 MLE A 10 0.12 -7.06 -1.42
CD2 MLE A 10 -0.35 -4.74 -0.63
C MLE A 10 -2.57 -3.82 -2.67
O MLE A 10 -1.97 -4.08 -3.72
HN1 MLE A 10 -3.94 -5.88 -4.10
HN2 MLE A 10 -5.14 -4.57 -3.93
HN3 MLE A 10 -5.62 -6.27 -3.79
HA MLE A 10 -3.27 -4.48 -0.84
HB2 MLE A 10 -1.94 -6.41 -2.72
HB3 MLE A 10 -2.79 -7.08 -1.39
HG MLE A 10 -1.15 -6.54 0.17
HD11 MLE A 10 -0.29 -8.06 -1.53
HD12 MLE A 10 0.98 -7.09 -0.77
HD13 MLE A 10 0.43 -6.67 -2.39
HD21 MLE A 10 -1.05 -4.08 -0.11
HD22 MLE A 10 -0.10 -4.32 -1.60
HD23 MLE A 10 0.56 -4.82 -0.03
N MVA A 11 -2.67 -2.47 -2.30
CN MVA A 11 -3.32 -2.01 -1.05
CA MVA A 11 -2.03 -1.34 -3.07
CB MVA A 11 -3.08 -0.34 -3.64
CG1 MVA A 11 -2.56 0.33 -4.92
CG2 MVA A 11 -4.46 -0.94 -3.93
C MVA A 11 -0.90 -0.49 -2.43
O MVA A 11 -1.16 0.14 -1.41
HN1 MVA A 11 -4.27 -2.51 -0.91
HN2 MVA A 11 -2.68 -2.24 -0.20
HN3 MVA A 11 -3.51 -0.94 -1.06
HA MVA A 11 -1.58 -1.80 -3.95
HB MVA A 11 -3.22 0.46 -2.90
HG11 MVA A 11 -1.61 0.84 -4.72
HG12 MVA A 11 -2.41 -0.42 -5.70
HG13 MVA A 11 -3.27 1.07 -5.28
HG21 MVA A 11 -5.10 -0.19 -4.41
HG22 MVA A 11 -4.36 -1.81 -4.57
HG23 MVA A 11 -4.94 -1.25 -3.00
N BMT A 1 0.32 -0.42 -3.01
CN BMT A 1 0.77 -1.08 -4.25
CA BMT A 1 1.36 0.46 -2.35
C BMT A 1 1.45 1.96 -2.69
O BMT A 1 1.39 2.37 -3.85
CB BMT A 1 2.80 -0.07 -2.19
OG1 BMT A 1 3.49 -0.41 -3.39
CG2 BMT A 1 2.88 -1.18 -1.11
CD1 BMT A 1 4.29 -1.33 -0.57
CD2 BMT A 1 2.24 -2.53 -1.44
CE BMT A 1 3.00 -3.37 -2.45
CZ BMT A 1 3.58 -4.54 -2.07
CH BMT A 1 4.36 -5.38 -3.07
HN1 BMT A 1 -0.06 -1.26 -4.94
HN2 BMT A 1 1.49 -0.45 -4.78
HN3 BMT A 1 1.23 -2.04 -3.99
HA BMT A 1 1.06 0.47 -1.30
HB BMT A 1 3.36 0.76 -1.74
HG1 BMT A 1 4.40 -0.63 -3.18
HG2 BMT A 1 2.31 -0.82 -0.25
HD11 BMT A 1 4.57 -0.38 -0.10
HD12 BMT A 1 4.31 -2.10 0.18
HD13 BMT A 1 4.99 -1.57 -1.37
HD22 BMT A 1 1.20 -2.38 -1.75
HD23 BMT A 1 2.15 -3.06 -0.50
HE BMT A 1 3.09 -3.04 -3.47
HZ BMT A 1 3.50 -4.88 -1.05
HH1 BMT A 1 5.38 -5.52 -2.70
HH2 BMT A 1 3.88 -6.36 -3.14
HH3 BMT A 1 4.38 -4.90 -4.04
N ABA A 2 1.61 2.81 -1.66
CA ABA A 2 1.89 4.24 -1.78
C ABA A 2 3.36 4.51 -1.39
O ABA A 2 3.65 4.60 -0.19
CB ABA A 2 0.87 5.10 -1.00
CG ABA A 2 -0.58 4.83 -1.39
H ABA A 2 1.55 2.41 -0.73
HA ABA A 2 1.75 4.55 -2.82
HB3 ABA A 2 1.09 6.15 -1.18
HB2 ABA A 2 1.00 4.94 0.07
HG1 ABA A 2 -0.86 3.80 -1.16
HG3 ABA A 2 -1.24 5.50 -0.84
HG2 ABA A 2 -0.71 5.00 -2.45
N SAR A 3 4.38 4.64 -2.33
CA SAR A 3 5.81 4.56 -1.88
C SAR A 3 6.20 3.28 -1.11
O SAR A 3 6.22 2.20 -1.72
CN SAR A 3 4.21 4.38 -3.78
HA2 SAR A 3 6.01 5.42 -1.26
HA3 SAR A 3 6.48 4.63 -2.74
HN1 SAR A 3 4.12 3.31 -3.95
HN2 SAR A 3 5.05 4.76 -4.34
HN3 SAR A 3 3.32 4.88 -4.16
N MLE A 4 6.52 3.28 0.25
CN MLE A 4 6.55 4.51 1.08
CA MLE A 4 6.48 2.02 1.06
CB MLE A 4 7.91 1.58 1.51
CG MLE A 4 8.74 2.49 2.45
CD1 MLE A 4 8.18 2.60 3.87
CD2 MLE A 4 10.17 1.92 2.54
C MLE A 4 5.33 1.80 2.08
O MLE A 4 5.52 1.13 3.11
HN1 MLE A 4 5.56 4.99 1.12
HN2 MLE A 4 7.25 5.23 0.66
HN3 MLE A 4 6.84 4.31 2.11
HA MLE A 4 6.18 1.25 0.34
HB2 MLE A 4 8.50 1.46 0.60
HB3 MLE A 4 7.90 0.60 1.98
HG MLE A 4 8.84 3.48 2.00
HD11 MLE A 4 8.83 3.24 4.47
HD12 MLE A 4 8.11 1.62 4.33
HD13 MLE A 4 7.18 3.06 3.85
HD21 MLE A 4 10.79 2.57 3.16
HD22 MLE A 4 10.62 1.84 1.55
HD23 MLE A 4 10.16 0.93 3.00
N VAL A 5 4.13 2.36 1.81
CA VAL A 5 2.95 2.26 2.65
C VAL A 5 1.97 1.25 2.01
N MLE A 6 1.43 0.18 2.70
CN MLE A 6 1.64 0.07 4.16
CA MLE A 6 0.29 -0.62 2.10
CB MLE A 6 0.19 -2.11 2.57
CG MLE A 6 1.31 -3.16 2.41
CD1 MLE A 6 2.75 -2.66 2.61
CD2 MLE A 6 1.07 -4.34 3.39
C MLE A 6 -1.12 -0.03 2.31
O MLE A 6 -1.60 0.01 3.45
HN1 MLE A 6 1.22 0.95 4.63
HN2 MLE A 6 2.70 0.05 4.38
HN3 MLE A 6 1.18 -0.82 4.61
HA MLE A 6 0.46 -0.60 1.02
HB2 MLE A 6 -0.69 -2.56 2.13
HB3 MLE A 6 -0.04 -2.09 3.64
HG MLE A 6 1.19 -3.60 1.42
HD11 MLE A 6 2.91 -2.35 3.64
HD12 MLE A 6 2.96 -1.82 1.94
HD13 MLE A 6 3.45 -3.46 2.37
HD21 MLE A 6 1.19 -4.00 4.41
HD22 MLE A 6 1.79 -5.12 3.19
HD23 MLE A 6 0.07 -4.74 3.25
N ALA A 7 -1.81 0.43 1.27
CA ALA A 7 -3.15 1.04 1.37
C ALA A 7 -4.28 0.00 1.61
N DAL A 8 -3.96 -1.15 2.22
CA DAL A 8 -4.87 -2.26 2.53
CB DAL A 8 -4.89 -2.42 4.05
C DAL A 8 -4.50 -3.60 1.85
O DAL A 8 -3.32 -3.97 1.80
H DAL A 8 -2.99 -1.23 2.49
HA DAL A 8 -5.87 -1.98 2.21
HB1 DAL A 8 -3.90 -2.67 4.42
HB2 DAL A 8 -5.59 -3.21 4.32
HB3 DAL A 8 -5.22 -1.48 4.52
N MLE A 9 -5.47 -4.42 1.27
CN MLE A 9 -6.90 -4.07 1.20
CA MLE A 9 -5.20 -5.70 0.52
CB MLE A 9 -5.76 -6.90 1.36
CG MLE A 9 -4.75 -7.61 2.28
CD1 MLE A 9 -5.50 -8.64 3.15
CD2 MLE A 9 -3.65 -8.36 1.50
C MLE A 9 -5.59 -5.79 -0.98
O MLE A 9 -6.72 -6.19 -1.31
HN1 MLE A 9 -7.26 -3.75 2.17
HN2 MLE A 9 -7.50 -4.94 0.89
HN3 MLE A 9 -7.06 -3.27 0.48
HA MLE A 9 -4.12 -5.83 0.49
HB2 MLE A 9 -6.23 -7.62 0.69
HB3 MLE A 9 -6.57 -6.54 1.99
HG MLE A 9 -4.29 -6.90 2.95
HD11 MLE A 9 -4.82 -9.13 3.84
HD12 MLE A 9 -5.99 -9.38 2.52
HD13 MLE A 9 -6.26 -8.12 3.75
HD21 MLE A 9 -3.04 -8.94 2.18
HD22 MLE A 9 -3.01 -7.64 0.99
HD23 MLE A 9 -4.09 -9.04 0.76
N MLE A 10 -4.72 -5.44 -2.00
CN MLE A 10 -5.06 -5.51 -3.44
CA MLE A 10 -3.32 -4.93 -1.79
CB MLE A 10 -2.39 -6.19 -1.71
CG MLE A 10 -1.04 -6.15 -0.92
CD1 MLE A 10 -0.10 -7.21 -1.54
CD2 MLE A 10 -0.34 -4.80 -0.92
C MLE A 10 -2.71 -3.80 -2.67
O MLE A 10 -2.17 -4.08 -3.75
HN1 MLE A 10 -5.44 -4.53 -3.77
HN2 MLE A 10 -5.84 -6.25 -3.62
HN3 MLE A 10 -4.20 -5.78 -4.04
HA MLE A 10 -3.35 -4.44 -0.82
HB2 MLE A 10 -2.17 -6.42 -2.74
HB3 MLE A 10 -2.94 -7.06 -1.36
HG MLE A 10 -1.20 -6.46 0.10
HD11 MLE A 10 -0.58 -8.18 -1.51
HD12 MLE A 10 0.83 -7.27 -0.96
HD13 MLE A 10 0.13 -6.96 -2.57
HD21 MLE A 10 -0.13 -4.47 -1.93
HD22 MLE A 10 0.61 -4.90 -0.39
HD23 MLE A 10 -0.96 -4.06 -0.40
N MVA A 11 -2.77 -2.45 -2.30
CN MVA A 11 -3.34 -1.99 -1.01
CA MVA A 11 -2.13 -1.32 -3.08
CB MVA A 11 -3.18 -0.30 -3.61
CG1 MVA A 11 -2.68 0.36 -4.92
CG2 MVA A 11 -4.57 -0.87 -3.87
C MVA A 11 -0.96 -0.50 -2.47
O MVA A 11 -1.18 0.11 -1.43
HN1 MVA A 11 -3.56 -0.93 -1.04
HN2 MVA A 11 -4.29 -2.50 -0.81
HN3 MVA A 11 -2.66 -2.20 -0.20
HA MVA A 11 -1.71 -1.79 -3.98
HB MVA A 11 -3.28 0.50 -2.88
HG11 MVA A 11 -1.73 0.85 -4.77
HG12 MVA A 11 -2.57 -0.40 -5.71
HG13 MVA A 11 -3.41 1.10 -5.24
HG21 MVA A 11 -4.50 -1.74 -4.53
HG22 MVA A 11 -5.03 -1.17 -2.92
HG23 MVA A 11 -5.22 -0.12 -4.32
N BMT A 1 0.36 -0.44 -2.95
CN BMT A 1 0.81 -1.12 -4.19
CA BMT A 1 1.40 0.45 -2.30
C BMT A 1 1.51 1.93 -2.67
O BMT A 1 1.48 2.31 -3.84
CB BMT A 1 2.83 -0.11 -2.10
OG1 BMT A 1 3.52 -0.48 -3.29
CG2 BMT A 1 2.88 -1.21 -1.02
CD1 BMT A 1 4.29 -1.38 -0.47
CD2 BMT A 1 2.21 -2.55 -1.34
CE BMT A 1 2.96 -3.43 -2.32
CZ BMT A 1 3.45 -4.64 -1.93
CH BMT A 1 4.20 -5.53 -2.91
HN1 BMT A 1 -0.02 -1.26 -4.89
HN2 BMT A 1 1.56 -0.52 -4.71
HN3 BMT A 1 1.22 -2.09 -3.93
HA BMT A 1 1.10 0.45 -1.25
HB BMT A 1 3.39 0.72 -1.67
HG1 BMT A 1 4.45 -0.65 -3.08
HG2 BMT A 1 2.32 -0.82 -0.16
HD11 BMT A 1 4.59 -0.43 -0.01
HD12 BMT A 1 4.30 -2.15 0.29
HD13 BMT A 1 4.99 -1.64 -1.27
HD22 BMT A 1 1.18 -2.39 -1.66
HD23 BMT A 1 2.11 -3.07 -0.38
HE BMT A 1 3.10 -3.11 -3.34
HZ BMT A 1 3.31 -4.98 -0.92
HH1 BMT A 1 5.20 -5.71 -2.53
HH2 BMT A 1 3.68 -6.47 -3.03
HH3 BMT A 1 4.27 -5.04 -3.88
N ABA A 2 1.63 2.80 -1.67
CA ABA A 2 1.88 4.24 -1.83
C ABA A 2 3.35 4.52 -1.47
O ABA A 2 3.66 4.68 -0.28
CB ABA A 2 0.85 5.08 -1.06
CG ABA A 2 -0.60 4.73 -1.40
H ABA A 2 1.58 2.43 -0.72
HA ABA A 2 1.71 4.51 -2.87
HB3 ABA A 2 1.01 6.13 -1.30
HB2 ABA A 2 1.01 4.98 0.02
HG1 ABA A 2 -1.27 5.41 -0.86
HG3 ABA A 2 -0.78 4.84 -2.46
HG2 ABA A 2 -0.84 3.71 -1.09
N SAR A 3 4.37 4.61 -2.43
CA SAR A 3 5.80 4.55 -2.00
C SAR A 3 6.22 3.30 -1.20
O SAR A 3 6.25 2.21 -1.77
CN SAR A 3 4.20 4.28 -3.86
HA2 SAR A 3 6.03 5.43 -1.40
HA3 SAR A 3 6.47 4.61 -2.87
HN1 SAR A 3 3.27 4.70 -4.25
HN2 SAR A 3 4.15 3.19 -3.97
HN3 SAR A 3 5.02 4.68 -4.47
N MLE A 4 6.54 3.35 0.16
CN MLE A 4 6.55 4.61 0.96
CA MLE A 4 6.50 2.10 1.00
CB MLE A 4 7.94 1.67 1.47
CG MLE A 4 8.78 2.59 2.39
CD1 MLE A 4 8.20 2.78 3.80
CD2 MLE A 4 10.20 2.02 2.53
C MLE A 4 5.36 1.91 2.03
O MLE A 4 5.54 1.27 3.07
HN1 MLE A 4 6.92 4.44 1.96
HN2 MLE A 4 5.53 5.00 1.06
HN3 MLE A 4 7.17 5.35 0.48
HA MLE A 4 6.20 1.33 0.31
HB2 MLE A 4 8.53 1.53 0.57
HB3 MLE A 4 7.92 0.70 1.97
HG MLE A 4 8.89 3.57 1.91
HD11 MLE A 4 8.11 1.81 4.30
HD12 MLE A 4 7.21 3.23 3.77
HD13 MLE A 4 8.85 3.42 4.39
HD21 MLE A 4 10.66 1.93 1.54
HD22 MLE A 4 10.18 1.03 2.98
HD23 MLE A 4 10.80 2.68 3.14
N VAL A 5 4.16 2.48 1.75
CA VAL A 5 2.98 2.37 2.61
C VAL A 5 2.01 1.35 2.00
N MLE A 6 1.46 0.31 2.73
CN MLE A 6 1.66 0.27 4.20
CA MLE A 6 0.34 -0.53 2.17
CB MLE A 6 0.28 -2.02 2.69
CG MLE A 6 1.43 -3.03 2.58
CD1 MLE A 6 2.85 -2.50 2.78
CD2 MLE A 6 1.19 -4.19 3.56
C MLE A 6 -1.09 0.03 2.38
O MLE A 6 -1.55 0.11 3.53
HN1 MLE A 6 1.28 1.19 4.64
HN2 MLE A 6 2.72 0.19 4.42
HN3 MLE A 6 1.15 -0.57 4.70
HA MLE A 6 0.49 -0.54 1.09
HB2 MLE A 6 -0.59 -2.50 2.26
HB3 MLE A 6 0.03 -1.99 3.75
HG MLE A 6 1.34 -3.49 1.59
HD11 MLE A 6 3.04 -1.67 2.11
HD12 MLE A 6 3.58 -3.28 2.58
HD13 MLE A 6 2.99 -2.16 3.80
HD21 MLE A 6 1.92 -4.98 3.39
HD22 MLE A 6 0.19 -4.60 3.41
HD23 MLE A 6 1.28 -3.82 4.59
N ALA A 7 -1.80 0.43 1.33
CA ALA A 7 -3.17 0.99 1.43
C ALA A 7 -4.25 -0.09 1.69
N DAL A 8 -3.86 -1.18 2.36
CA DAL A 8 -4.69 -2.33 2.74
CB DAL A 8 -4.49 -2.52 4.24
C DAL A 8 -4.40 -3.64 1.96
O DAL A 8 -3.24 -4.07 1.89
H DAL A 8 -2.90 -1.23 2.64
HA DAL A 8 -5.74 -2.07 2.59
HB1 DAL A 8 -4.85 -1.65 4.78
HB2 DAL A 8 -3.44 -2.68 4.46
HB3 DAL A 8 -5.06 -3.40 4.56
N MLE A 9 -5.40 -4.37 1.32
CN MLE A 9 -6.83 -3.95 1.30
CA MLE A 9 -5.20 -5.66 0.59
CB MLE A 9 -5.80 -6.80 1.44
CG MLE A 9 -5.49 -8.23 0.97
CD1 MLE A 9 -4.03 -8.63 1.23
CD2 MLE A 9 -6.42 -9.22 1.68
C MLE A 9 -5.61 -5.75 -0.92
O MLE A 9 -6.74 -6.14 -1.24
HN1 MLE A 9 -6.90 -2.98 0.82
HN2 MLE A 9 -7.21 -3.89 2.32
HN3 MLE A 9 -7.44 -4.66 0.74
HA MLE A 9 -4.14 -5.89 0.57
HB2 MLE A 9 -6.89 -6.68 1.45
HB3 MLE A 9 -5.47 -6.70 2.47
HG MLE A 9 -5.70 -8.28 -0.10
HD11 MLE A 9 -3.35 -7.94 0.74
HD12 MLE A 9 -3.85 -9.63 0.83
HD13 MLE A 9 -3.83 -8.63 2.30
HD21 MLE A 9 -7.47 -8.99 1.47
HD22 MLE A 9 -6.26 -9.18 2.76
HD23 MLE A 9 -6.22 -10.23 1.33
N MLE A 10 -4.71 -5.43 -1.94
CN MLE A 10 -5.06 -5.50 -3.39
CA MLE A 10 -3.32 -4.94 -1.71
CB MLE A 10 -2.40 -6.20 -1.65
CG MLE A 10 -1.10 -6.20 -0.80
CD1 MLE A 10 -0.07 -7.12 -1.48
CD2 MLE A 10 -0.45 -4.82 -0.61
C MLE A 10 -2.69 -3.81 -2.61
O MLE A 10 -2.14 -4.10 -3.67
HN1 MLE A 10 -5.42 -4.52 -3.73
HN2 MLE A 10 -5.84 -6.23 -3.57
HN3 MLE A 10 -4.19 -5.77 -3.99
HA MLE A 10 -3.33 -4.46 -0.73
HB2 MLE A 10 -2.14 -6.41 -2.69
HB3 MLE A 10 -2.97 -7.07 -1.36
HG MLE A 10 -1.27 -6.62 0.18
HD11 MLE A 10 -0.49 -8.12 -1.62
HD12 MLE A 10 0.82 -7.19 -0.86
HD13 MLE A 10 0.22 -6.72 -2.46
HD21 MLE A 10 -1.11 -4.17 -0.06
HD22 MLE A 10 -0.21 -4.37 -1.58
HD23 MLE A 10 0.48 -4.93 -0.05
N MVA A 11 -2.74 -2.47 -2.23
CN MVA A 11 -3.32 -2.01 -0.95
CA MVA A 11 -2.08 -1.36 -3.02
CB MVA A 11 -3.12 -0.34 -3.58
CG1 MVA A 11 -2.59 0.29 -4.88
CG2 MVA A 11 -4.52 -0.90 -3.84
C MVA A 11 -0.92 -0.54 -2.41
O MVA A 11 -1.13 0.08 -1.37
HN1 MVA A 11 -4.28 -2.52 -0.76
HN2 MVA A 11 -2.63 -2.22 -0.14
HN3 MVA A 11 -3.53 -0.94 -0.98
HA MVA A 11 -1.67 -1.85 -3.90
HB MVA A 11 -3.22 0.47 -2.86
HG11 MVA A 11 -2.48 -0.48 -5.64
HG12 MVA A 11 -3.29 1.05 -5.25
HG13 MVA A 11 -1.63 0.77 -4.71
HG21 MVA A 11 -5.13 -0.15 -4.33
HG22 MVA A 11 -4.46 -1.79 -4.47
HG23 MVA A 11 -5.00 -1.15 -2.90
N BMT A 1 0.39 -0.38 -2.91
CN BMT A 1 0.89 -1.04 -4.14
CA BMT A 1 1.39 0.51 -2.23
C BMT A 1 1.49 2.02 -2.58
O BMT A 1 1.47 2.39 -3.75
CB BMT A 1 2.83 -0.01 -1.99
OG1 BMT A 1 3.57 -0.36 -3.16
CG2 BMT A 1 2.87 -1.11 -0.91
CD1 BMT A 1 4.27 -1.26 -0.32
CD2 BMT A 1 2.23 -2.46 -1.25
CE BMT A 1 3.02 -3.31 -2.22
CZ BMT A 1 3.59 -4.48 -1.81
CH BMT A 1 4.40 -5.33 -2.76
HN1 BMT A 1 1.64 -0.43 -4.63
HN2 BMT A 1 1.30 -2.02 -3.86
HN3 BMT A 1 0.09 -1.19 -4.87
HA BMT A 1 1.05 0.52 -1.19
HB BMT A 1 3.36 0.83 -1.54
HG1 BMT A 1 4.48 -0.50 -2.91
HG2 BMT A 1 2.27 -0.73 -0.07
HD11 BMT A 1 4.24 -2.01 0.46
HD12 BMT A 1 4.99 -1.56 -1.09
HD13 BMT A 1 4.54 -0.30 0.12
HD22 BMT A 1 1.21 -2.31 -1.59
HD23 BMT A 1 2.10 -2.99 -0.31
HE BMT A 1 3.15 -2.99 -3.25
HZ BMT A 1 3.47 -4.79 -0.78
HH1 BMT A 1 3.96 -6.33 -2.79
HH2 BMT A 1 4.39 -4.91 -3.77
HH3 BMT A 1 5.41 -5.41 -2.40
N ABA A 2 1.59 2.87 -1.57
CA ABA A 2 1.89 4.30 -1.71
C ABA A 2 3.37 4.54 -1.31
O ABA A 2 3.65 4.66 -0.12
CB ABA A 2 0.90 5.20 -0.95
CG ABA A 2 -0.57 4.91 -1.29
H ABA A 2 1.47 2.50 -0.63
HA ABA A 2 1.77 4.59 -2.74
HB3 ABA A 2 1.12 6.23 -1.19
HB2 ABA A 2 1.04 5.07 0.12
HG1 ABA A 2 -1.21 5.63 -0.78
HG3 ABA A 2 -0.72 5.01 -2.37
HG2 ABA A 2 -0.85 3.91 -0.97
N SAR A 3 4.40 4.58 -2.24
CA SAR A 3 5.82 4.45 -1.76
C SAR A 3 6.12 3.24 -0.86
O SAR A 3 6.00 2.11 -1.33
CN SAR A 3 4.27 4.32 -3.70
HA2 SAR A 3 6.08 5.37 -1.23
HA3 SAR A 3 6.52 4.40 -2.60
HN1 SAR A 3 4.19 3.24 -3.86
HN2 SAR A 3 5.11 4.71 -4.24
HN3 SAR A 3 3.36 4.79 -4.10
N MLE A 4 6.53 3.36 0.47
CN MLE A 4 6.65 4.66 1.18
CA MLE A 4 6.45 2.20 1.42
CB MLE A 4 7.82 1.90 2.10
CG MLE A 4 8.98 1.64 1.10
CD1 MLE A 4 10.31 1.53 1.87
CD2 MLE A 4 8.78 0.36 0.27
C MLE A 4 5.24 2.14 2.41
O MLE A 4 5.40 1.74 3.57
HN1 MLE A 4 7.21 5.37 0.57
HN2 MLE A 4 7.20 4.55 2.12
HN3 MLE A 4 5.67 5.06 1.40
HA MLE A 4 6.26 1.31 0.82
HB2 MLE A 4 7.72 1.01 2.71
HB3 MLE A 4 8.13 2.70 2.76
HG MLE A 4 9.07 2.49 0.43
HD11 MLE A 4 11.13 1.37 1.19
HD12 MLE A 4 10.25 0.70 2.58
HD13 MLE A 4 10.48 2.46 2.42
HD21 MLE A 4 9.65 0.18 -0.35
HD22 MLE A 4 7.91 0.45 -0.38
HD23 MLE A 4 8.64 -0.50 0.93
N VAL A 5 4.01 2.52 1.97
CA VAL A 5 2.78 2.43 2.76
C VAL A 5 1.86 1.39 2.12
N MLE A 6 1.24 0.39 2.83
CN MLE A 6 1.33 0.39 4.32
CA MLE A 6 0.17 -0.49 2.22
CB MLE A 6 0.15 -1.98 2.75
CG MLE A 6 1.33 -2.96 2.65
CD1 MLE A 6 2.72 -2.38 2.91
CD2 MLE A 6 1.08 -4.13 3.64
C MLE A 6 -1.27 0.02 2.36
O MLE A 6 -1.80 0.06 3.48
HN1 MLE A 6 1.12 1.39 4.68
HN2 MLE A 6 2.34 0.11 4.64
HN3 MLE A 6 0.62 -0.29 4.79
HA MLE A 6 0.39 -0.49 1.15
HB2 MLE A 6 -0.70 -2.48 2.31
HB3 MLE A 6 -0.10 -1.94 3.81
HG MLE A 6 1.28 -3.41 1.67
HD11 MLE A 6 2.82 -2.05 3.94
HD12 MLE A 6 2.92 -1.55 2.24
HD13 MLE A 6 3.48 -3.15 2.73
HD21 MLE A 6 0.12 -4.58 3.45
HD22 MLE A 6 1.10 -3.76 4.67
HD23 MLE A 6 1.85 -4.88 3.50
N ALA A 7 -1.94 0.44 1.28
CA ALA A 7 -3.32 0.98 1.33
C ALA A 7 -4.39 -0.12 1.53
N DAL A 8 -4.03 -1.22 2.18
CA DAL A 8 -4.87 -2.39 2.51
CB DAL A 8 -4.77 -2.56 4.01
C DAL A 8 -4.49 -3.69 1.77
O DAL A 8 -3.32 -4.06 1.74
H DAL A 8 -3.07 -1.27 2.49
HA DAL A 8 -5.91 -2.14 2.28
HB1 DAL A 8 -5.16 -1.68 4.52
HB2 DAL A 8 -3.72 -2.72 4.31
HB3 DAL A 8 -5.36 -3.43 4.31
N MLE A 9 -5.44 -4.49 1.14
CN MLE A 9 -6.89 -4.12 1.04
CA MLE A 9 -5.17 -5.76 0.39
CB MLE A 9 -5.77 -6.95 1.19
CG MLE A 9 -4.80 -7.70 2.14
CD1 MLE A 9 -5.60 -8.71 2.99
CD2 MLE A 9 -3.71 -8.45 1.38
C MLE A 9 -5.51 -5.84 -1.13
O MLE A 9 -6.62 -6.23 -1.51
HN1 MLE A 9 -7.46 -4.97 0.65
HN2 MLE A 9 -7.00 -3.27 0.37
HN3 MLE A 9 -7.27 -3.88 2.02
HA MLE A 9 -4.10 -5.91 0.39
HB2 MLE A 9 -6.22 -7.66 0.50
HB3 MLE A 9 -6.61 -6.59 1.80
HG MLE A 9 -4.34 -7.00 2.82
HD11 MLE A 9 -6.35 -8.18 3.58
HD12 MLE A 9 -4.92 -9.22 3.68
HD13 MLE A 9 -6.09 -9.44 2.35
HD21 MLE A 9 -3.02 -7.75 0.89
HD22 MLE A 9 -4.14 -9.12 0.63
HD23 MLE A 9 -3.12 -9.05 2.08
N MLE A 10 -4.58 -5.49 -2.11
CN MLE A 10 -4.85 -5.53 -3.57
CA MLE A 10 -3.20 -4.95 -1.83
CB MLE A 10 -2.25 -6.18 -1.71
CG MLE A 10 -0.97 -6.12 -0.84
CD1 MLE A 10 0.12 -7.02 -1.47
CD2 MLE A 10 -0.38 -4.73 -0.63
C MLE A 10 -2.58 -3.81 -2.70
O MLE A 10 -1.97 -4.08 -3.73
HN1 MLE A 10 -3.95 -5.83 -4.11
HN2 MLE A 10 -5.17 -4.55 -3.91
HN3 MLE A 10 -5.65 -6.25 -3.78
HA MLE A 10 -3.28 -4.47 -0.85
HB2 MLE A 10 -1.95 -6.40 -2.73
HB3 MLE A 10 -2.80 -7.07 -1.41
HG MLE A 10 -1.16 -6.55 0.14
HD11 MLE A 10 0.40 -6.63 -2.45
HD12 MLE A 10 -0.27 -8.03 -1.59
HD13 MLE A 10 0.99 -7.04 -0.83
HD21 MLE A 10 -1.10 -4.09 -0.10
HD22 MLE A 10 -0.10 -4.28 -1.58
HD23 MLE A 10 0.51 -4.80 0.00
N MVA A 11 -2.69 -2.46 -2.33
CN MVA A 11 -3.34 -2.01 -1.08
CA MVA A 11 -2.03 -1.33 -3.08
CB MVA A 11 -3.07 -0.33 -3.67
CG1 MVA A 11 -2.53 0.32 -4.96
CG2 MVA A 11 -4.46 -0.93 -3.97
C MVA A 11 -0.91 -0.50 -2.42
O MVA A 11 -1.17 0.11 -1.39
HN1 MVA A 11 -3.58 -0.95 -1.11
HN2 MVA A 11 -4.29 -2.54 -0.93
HN3 MVA A 11 -2.68 -2.19 -0.23
HA MVA A 11 -1.58 -1.80 -3.97
HB MVA A 11 -3.20 0.48 -2.94
HG11 MVA A 11 -2.38 -0.44 -5.72
HG12 MVA A 11 -3.23 1.07 -5.33
HG13 MVA A 11 -1.58 0.82 -4.76
HG21 MVA A 11 -4.94 -1.19 -3.03
HG22 MVA A 11 -5.09 -0.18 -4.46
HG23 MVA A 11 -4.37 -1.81 -4.59
N BMT A 1 0.36 -0.45 -3.02
CN BMT A 1 0.78 -1.14 -4.27
CA BMT A 1 1.40 0.42 -2.38
C BMT A 1 1.52 1.92 -2.72
O BMT A 1 1.50 2.32 -3.89
CB BMT A 1 2.84 -0.14 -2.22
OG1 BMT A 1 3.51 -0.51 -3.41
CG2 BMT A 1 2.91 -1.21 -1.12
CD1 BMT A 1 4.33 -1.36 -0.58
CD2 BMT A 1 2.26 -2.57 -1.44
CE BMT A 1 3.04 -3.43 -2.42
CZ BMT A 1 3.59 -4.61 -2.03
CH BMT A 1 4.35 -5.47 -3.00
HN1 BMT A 1 -0.05 -1.32 -4.95
HN2 BMT A 1 1.49 -0.51 -4.82
HN3 BMT A 1 1.25 -2.08 -4.00
HA BMT A 1 1.11 0.43 -1.32
HB BMT A 1 3.42 0.70 -1.81
HG1 BMT A 1 3.59 0.25 -4.00
HG2 BMT A 1 2.35 -0.82 -0.26
HD11 BMT A 1 5.02 -1.58 -1.39
HD12 BMT A 1 4.60 -0.42 -0.10
HD13 BMT A 1 4.35 -2.15 0.17
HD22 BMT A 1 1.23 -2.42 -1.76
HD23 BMT A 1 2.18 -3.07 -0.48
HE BMT A 1 3.15 -3.10 -3.44
HZ BMT A 1 3.47 -4.94 -1.00
HH1 BMT A 1 5.37 -5.61 -2.64
HH2 BMT A 1 3.88 -6.45 -3.06
HH3 BMT A 1 4.36 -5.02 -3.99
N ABA A 2 1.64 2.78 -1.70
CA ABA A 2 1.87 4.22 -1.82
C ABA A 2 3.32 4.53 -1.40
O ABA A 2 3.58 4.63 -0.20
CB ABA A 2 0.81 5.04 -1.06
CG ABA A 2 -0.63 4.70 -1.45
H ABA A 2 1.57 2.38 -0.77
HA ABA A 2 1.73 4.51 -2.86
HB3 ABA A 2 0.99 6.09 -1.26
HB2 ABA A 2 0.94 4.89 0.02
HG1 ABA A 2 -0.77 4.84 -2.53
HG3 ABA A 2 -0.86 3.66 -1.19
HG2 ABA A 2 -1.31 5.34 -0.91
N SAR A 3 4.36 4.71 -2.32
CA SAR A 3 5.78 4.67 -1.84
C SAR A 3 6.21 3.39 -1.10
O SAR A 3 6.30 2.34 -1.75
CN SAR A 3 4.23 4.43 -3.77
HA2 SAR A 3 5.93 5.52 -1.18
HA3 SAR A 3 6.47 4.80 -2.68
HN1 SAR A 3 5.08 4.83 -4.33
HN2 SAR A 3 3.33 4.89 -4.16
HN3 SAR A 3 4.19 3.35 -3.93
N MLE A 4 6.49 3.37 0.27
CN MLE A 4 6.44 4.58 1.13
CA MLE A 4 6.48 2.07 1.04
CB MLE A 4 7.92 1.65 1.52
CG MLE A 4 8.70 2.57 2.48
CD1 MLE A 4 8.10 2.65 3.89
CD2 MLE A 4 10.14 2.01 2.61
C MLE A 4 5.32 1.80 2.05
O MLE A 4 5.51 1.09 3.05
HN1 MLE A 4 7.09 5.36 0.71
HN2 MLE A 4 6.78 4.38 2.15
HN3 MLE A 4 5.43 4.97 1.20
HA MLE A 4 6.20 1.34 0.29
HB2 MLE A 4 8.52 1.56 0.61
HB3 MLE A 4 7.91 0.66 1.96
HG MLE A 4 8.79 3.56 2.05
HD11 MLE A 4 7.10 3.08 3.87
HD12 MLE A 4 8.72 3.28 4.53
HD13 MLE A 4 8.05 1.66 4.33
HD21 MLE A 4 10.62 1.99 1.64
HD22 MLE A 4 10.12 1.01 3.01
HD23 MLE A 4 10.73 2.65 3.26
N VAL A 5 4.13 2.36 1.79
CA VAL A 5 2.95 2.24 2.62
C VAL A 5 1.98 1.24 1.99
N MLE A 6 1.46 0.15 2.66
CN MLE A 6 1.69 0.01 4.12
CA MLE A 6 0.32 -0.65 2.06
CB MLE A 6 0.22 -2.14 2.55
CG MLE A 6 1.32 -3.20 2.40
CD1 MLE A 6 2.77 -2.72 2.59
CD2 MLE A 6 1.04 -4.36 3.35
C MLE A 6 -1.09 -0.05 2.30
O MLE A 6 -1.55 -0.01 3.44
HN1 MLE A 6 1.30 -0.90 4.56
HN2 MLE A 6 1.23 0.88 4.62
HN3 MLE A 6 2.76 0.03 4.31
HA MLE A 6 0.48 -0.64 0.99
HB2 MLE A 6 -0.67 -2.58 2.11
HB3 MLE A 6 -0.02 -2.11 3.61
HG MLE A 6 1.21 -3.61 1.40
HD11 MLE A 6 2.94 -2.43 3.63
HD12 MLE A 6 2.98 -1.88 1.94
HD13 MLE A 6 3.45 -3.53 2.34
HD21 MLE A 6 1.76 -5.16 3.19
HD22 MLE A 6 0.04 -4.74 3.19
HD23 MLE A 6 1.13 -4.03 4.39
N ALA A 7 -1.79 0.41 1.27
CA ALA A 7 -3.13 1.01 1.39
C ALA A 7 -4.26 -0.02 1.65
N DAL A 8 -3.92 -1.16 2.25
CA DAL A 8 -4.81 -2.28 2.59
CB DAL A 8 -4.81 -2.45 4.11
C DAL A 8 -4.48 -3.62 1.88
O DAL A 8 -3.31 -4.02 1.84
H DAL A 8 -2.94 -1.25 2.50
HA DAL A 8 -5.83 -2.00 2.31
HB1 DAL A 8 -3.81 -2.72 4.44
HB2 DAL A 8 -5.51 -3.24 4.40
HB3 DAL A 8 -5.12 -1.52 4.57
N MLE A 9 -5.47 -4.40 1.27
CN MLE A 9 -6.89 -4.01 1.20
CA MLE A 9 -5.24 -5.68 0.53
CB MLE A 9 -5.83 -6.87 1.35
CG MLE A 9 -4.85 -7.65 2.24
CD1 MLE A 9 -5.64 -8.66 3.09
CD2 MLE A 9 -3.79 -8.42 1.43
C MLE A 9 -5.63 -5.76 -0.99
O MLE A 9 -6.76 -6.14 -1.32
HN1 MLE A 9 -7.02 -3.15 0.54
HN2 MLE A 9 -7.26 -3.76 2.20
HN3 MLE A 9 -7.49 -4.83 0.82
HA MLE A 9 -4.16 -5.84 0.49
HB2 MLE A 9 -6.34 -7.55 0.68
HB3 MLE A 9 -6.61 -6.48 2.00
HG MLE A 9 -4.36 -6.96 2.92
HD11 MLE A 9 -6.38 -8.14 3.69
HD12 MLE A 9 -4.96 -9.19 3.77
HD13 MLE A 9 -6.14 -9.39 2.44
HD21 MLE A 9 -3.12 -7.73 0.92
HD22 MLE A 9 -4.26 -9.08 0.69
HD23 MLE A 9 -3.19 -9.03 2.11
N MLE A 10 -4.74 -5.39 -2.00
CN MLE A 10 -5.09 -5.43 -3.43
CA MLE A 10 -3.34 -4.91 -1.76
CB MLE A 10 -2.43 -6.16 -1.70
CG MLE A 10 -1.09 -6.16 -0.90
CD1 MLE A 10 -0.14 -7.21 -1.50
CD2 MLE A 10 -0.35 -4.81 -0.89
C MLE A 10 -2.72 -3.78 -2.66
O MLE A 10 -2.18 -4.07 -3.73
HN1 MLE A 10 -5.36 -4.43 -3.78
HN2 MLE A 10 -5.92 -6.10 -3.63
HN3 MLE A 10 -4.23 -5.78 -4.03
HA MLE A 10 -3.37 -4.42 -0.79
HB2 MLE A 10 -2.21 -6.39 -2.74
HB3 MLE A 10 -2.99 -7.03 -1.35
HG MLE A 10 -1.24 -6.46 0.13
HD11 MLE A 10 0.77 -7.29 -0.91
HD12 MLE A 10 0.13 -6.94 -2.52
HD13 MLE A 10 -0.63 -8.18 -1.50
HD21 MLE A 10 0.60 -4.93 -0.37
HD22 MLE A 10 -0.94 -4.05 -0.37
HD23 MLE A 10 -0.15 -4.48 -1.90
N MVA A 11 -2.76 -2.43 -2.28
CN MVA A 11 -3.32 -1.95 -1.00
CA MVA A 11 -2.11 -1.32 -3.07
CB MVA A 11 -3.15 -0.29 -3.60
CG1 MVA A 11 -2.63 0.37 -4.89
CG2 MVA A 11 -4.55 -0.88 -3.86
C MVA A 11 -0.93 -0.50 -2.47
O MVA A 11 -1.14 0.13 -1.44
HN1 MVA A 11 -3.51 -0.88 -1.02
HN2 MVA A 11 -4.29 -2.44 -0.82
HN3 MVA A 11 -2.63 -2.18 -0.19
HA MVA A 11 -1.72 -1.81 -3.97
HB MVA A 11 -3.26 0.50 -2.86
HG11 MVA A 11 -1.67 0.86 -4.71
HG12 MVA A 11 -2.50 -0.38 -5.68
HG13 MVA A 11 -3.34 1.13 -5.24
HG21 MVA A 11 -5.18 -0.12 -4.34
HG22 MVA A 11 -4.48 -1.75 -4.52
HG23 MVA A 11 -5.03 -1.15 -2.92
N BMT A 1 0.12 -0.14 -2.96
CN BMT A 1 0.55 -0.82 -4.21
CA BMT A 1 1.21 0.67 -2.28
C BMT A 1 1.42 2.16 -2.59
O BMT A 1 1.46 2.58 -3.75
CB BMT A 1 2.59 0.01 -2.04
OG1 BMT A 1 3.32 -0.35 -3.21
CG2 BMT A 1 2.53 -1.11 -0.99
CD1 BMT A 1 3.92 -1.39 -0.42
CD2 BMT A 1 1.78 -2.39 -1.37
CE BMT A 1 2.51 -3.28 -2.38
CZ BMT A 1 3.01 -4.47 -2.00
CH BMT A 1 3.74 -5.37 -2.98
HN1 BMT A 1 -0.26 -0.83 -4.94
HN2 BMT A 1 1.39 -0.31 -4.67
HN3 BMT A 1 0.82 -1.84 -3.96
HA BMT A 1 0.89 0.68 -1.24
HB BMT A 1 3.18 0.79 -1.57
HG1 BMT A 1 4.21 -0.59 -2.97
HG2 BMT A 1 1.96 -0.72 -0.14
HD11 BMT A 1 3.86 -2.18 0.33
HD12 BMT A 1 4.62 -1.69 -1.20
HD13 BMT A 1 4.26 -0.47 0.07
HD22 BMT A 1 0.77 -2.17 -1.68
HD23 BMT A 1 1.65 -2.95 -0.45
HE BMT A 1 2.62 -2.95 -3.40
HZ BMT A 1 2.90 -4.80 -0.98
HH1 BMT A 1 4.77 -5.52 -2.66
HH2 BMT A 1 3.25 -6.34 -3.01
HH3 BMT A 1 3.74 -4.93 -3.99
N ABA A 2 1.56 2.98 -1.56
CA ABA A 2 1.97 4.38 -1.67
C ABA A 2 3.47 4.50 -1.30
O ABA A 2 3.79 4.61 -0.10
CB ABA A 2 1.04 5.33 -0.87
CG ABA A 2 -0.45 5.13 -1.17
H ABA A 2 1.39 2.59 -0.64
HA ABA A 2 1.85 4.72 -2.70
HB3 ABA A 2 1.31 6.36 -1.13
HB2 ABA A 2 1.23 5.20 0.19
HG1 ABA A 2 -1.03 5.88 -0.64
HG3 ABA A 2 -0.64 5.21 -2.24
HG2 ABA A 2 -0.77 4.13 -0.82
N SAR A 3 4.49 4.50 -2.24
CA SAR A 3 5.90 4.24 -1.80
C SAR A 3 6.12 3.00 -0.92
O SAR A 3 5.91 1.89 -1.41
CN SAR A 3 4.29 4.24 -3.69
HA2 SAR A 3 6.23 5.12 -1.25
HA3 SAR A 3 6.57 4.16 -2.66
HN1 SAR A 3 5.16 4.57 -4.26
HN2 SAR A 3 3.42 4.77 -4.07
HN3 SAR A 3 4.15 3.16 -3.85
N MLE A 4 6.55 3.07 0.41
CN MLE A 4 6.77 4.34 1.15
CA MLE A 4 6.37 1.91 1.34
CB MLE A 4 7.73 1.48 2.00
CG MLE A 4 8.85 1.15 1.00
CD1 MLE A 4 10.18 0.93 1.77
CD2 MLE A 4 8.56 -0.09 0.15
C MLE A 4 5.18 1.91 2.35
O MLE A 4 5.34 1.50 3.50
HN1 MLE A 4 7.36 5.03 0.55
HN2 MLE A 4 7.30 4.18 2.08
HN3 MLE A 4 5.81 4.79 1.40
HA MLE A 4 6.10 1.05 0.73
HB2 MLE A 4 7.55 0.59 2.60
HB3 MLE A 4 8.09 2.25 2.68
HG MLE A 4 9.00 1.99 0.33
HD11 MLE A 4 10.43 1.83 2.32
HD12 MLE A 4 10.98 0.71 1.06
HD13 MLE A 4 10.07 0.10 2.46
HD21 MLE A 4 9.40 -0.32 -0.49
HD22 MLE A 4 7.68 0.07 -0.48
HD23 MLE A 4 8.37 -0.95 0.80
N VAL A 5 3.99 2.39 1.94
CA VAL A 5 2.76 2.39 2.73
C VAL A 5 1.75 1.44 2.09
N MLE A 6 1.07 0.48 2.82
CN MLE A 6 1.16 0.44 4.31
CA MLE A 6 -0.03 -0.36 2.22
CB MLE A 6 -0.08 -1.84 2.72
CG MLE A 6 1.06 -2.87 2.59
CD1 MLE A 6 2.49 -2.34 2.79
CD2 MLE A 6 0.81 -4.03 3.56
C MLE A 6 -1.46 0.19 2.38
O MLE A 6 -2.02 0.14 3.49
HN1 MLE A 6 1.10 1.46 4.68
HN2 MLE A 6 2.12 0.03 4.61
HN3 MLE A 6 0.34 -0.12 4.77
HA MLE A 6 0.16 -0.36 1.14
HB2 MLE A 6 -0.97 -2.32 2.31
HB3 MLE A 6 -0.30 -1.82 3.79
HG MLE A 6 0.96 -3.30 1.60
HD11 MLE A 6 2.63 -2.01 3.83
HD12 MLE A 6 2.69 -1.50 2.13
HD13 MLE A 6 3.20 -3.13 2.57
HD21 MLE A 6 -0.19 -4.44 3.42
HD22 MLE A 6 0.91 -3.70 4.59
HD23 MLE A 6 1.54 -4.83 3.37
N ALA A 7 -2.09 0.70 1.32
CA ALA A 7 -3.44 1.31 1.40
C ALA A 7 -4.57 0.24 1.47
N DAL A 8 -4.28 -0.93 2.00
CA DAL A 8 -5.17 -2.10 2.11
CB DAL A 8 -5.72 -2.17 3.54
C DAL A 8 -4.50 -3.43 1.71
O DAL A 8 -3.36 -3.70 2.12
H DAL A 8 -3.34 -1.03 2.38
HA DAL A 8 -6.02 -1.95 1.44
HB1 DAL A 8 -4.90 -2.29 4.25
HB2 DAL A 8 -6.38 -3.02 3.64
HB3 DAL A 8 -6.26 -1.25 3.78
N MLE A 9 -5.12 -4.36 0.88
CN MLE A 9 -6.48 -4.20 0.32
CA MLE A 9 -4.53 -5.68 0.48
CB MLE A 9 -5.15 -6.72 1.44
CG MLE A 9 -4.57 -8.15 1.40
CD1 MLE A 9 -3.21 -8.24 2.11
CD2 MLE A 9 -5.55 -9.14 2.05
C MLE A 9 -4.57 -6.16 -1.00
O MLE A 9 -5.46 -6.89 -1.41
HN1 MLE A 9 -6.81 -5.11 -0.18
HN2 MLE A 9 -6.49 -3.38 -0.40
HN3 MLE A 9 -7.18 -3.99 1.12
HA MLE A 9 -3.46 -5.64 0.70
HB2 MLE A 9 -6.21 -6.78 1.20
HB3 MLE A 9 -5.07 -6.35 2.46
HG MLE A 9 -4.47 -8.44 0.36
HD11 MLE A 9 -3.31 -7.99 3.16
HD12 MLE A 9 -2.50 -7.55 1.64
HD13 MLE A 9 -2.82 -9.26 2.01
HD21 MLE A 9 -5.71 -8.86 3.10
HD22 MLE A 9 -5.13 -10.14 2.00
HD23 MLE A 9 -6.50 -9.12 1.53
N MLE A 10 -3.59 -5.77 -1.94
CN MLE A 10 -3.68 -6.20 -3.36
CA MLE A 10 -2.44 -4.84 -1.70
CB MLE A 10 -1.11 -5.65 -1.70
CG MLE A 10 -0.79 -6.72 -0.63
CD1 MLE A 10 0.47 -7.50 -1.07
CD2 MLE A 10 -0.47 -6.05 0.72
C MLE A 10 -2.22 -3.57 -2.59
O MLE A 10 -1.62 -3.68 -3.67
HN1 MLE A 10 -4.49 -5.67 -3.85
HN2 MLE A 10 -3.85 -7.26 -3.41
HN3 MLE A 10 -2.75 -5.97 -3.90
HA MLE A 10 -2.60 -4.41 -0.71
HB2 MLE A 10 -0.28 -4.94 -1.67
HB3 MLE A 10 -1.01 -6.12 -2.67
HG MLE A 10 -1.58 -7.45 -0.55
HD11 MLE A 10 0.71 -8.25 -0.31
HD12 MLE A 10 1.32 -6.83 -1.19
HD13 MLE A 10 0.27 -8.01 -2.01
HD21 MLE A 10 -1.31 -5.47 1.06
HD22 MLE A 10 0.40 -5.39 0.62
HD23 MLE A 10 -0.23 -6.81 1.46
N MVA A 11 -2.68 -2.30 -2.24
CN MVA A 11 -3.31 -2.00 -0.94
CA MVA A 11 -2.29 -1.06 -3.00
CB MVA A 11 -3.47 -0.10 -3.33
CG1 MVA A 11 -3.13 0.77 -4.56
CG2 MVA A 11 -4.81 -0.79 -3.59
C MVA A 11 -1.14 -0.22 -2.40
O MVA A 11 -1.35 0.42 -1.37
HN1 MVA A 11 -4.19 -2.64 -0.83
HN2 MVA A 11 -2.59 -2.19 -0.13
HN3 MVA A 11 -3.66 -0.97 -0.87
HA MVA A 11 -1.96 -1.39 -3.98
HB MVA A 11 -3.58 0.59 -2.49
HG11 MVA A 11 -3.01 0.14 -5.44
HG12 MVA A 11 -3.92 1.49 -4.74
HG13 MVA A 11 -2.19 1.31 -4.39
HG21 MVA A 11 -5.17 -1.28 -2.68
HG22 MVA A 11 -5.55 -0.06 -3.89
HG23 MVA A 11 -4.69 -1.54 -4.37
N BMT A 1 0.39 -0.47 -3.01
CN BMT A 1 0.86 -1.16 -4.24
CA BMT A 1 1.44 0.41 -2.35
C BMT A 1 1.59 1.91 -2.69
O BMT A 1 1.62 2.30 -3.86
CB BMT A 1 2.86 -0.18 -2.14
OG1 BMT A 1 3.56 -0.57 -3.32
CG2 BMT A 1 2.89 -1.26 -1.03
CD1 BMT A 1 4.30 -1.43 -0.45
CD2 BMT A 1 2.22 -2.59 -1.35
CE BMT A 1 2.98 -3.49 -2.31
CZ BMT A 1 3.56 -4.64 -1.86
CH BMT A 1 4.32 -5.55 -2.81
HN1 BMT A 1 1.62 -0.57 -4.76
HN2 BMT A 1 1.27 -2.13 -3.96
HN3 BMT A 1 0.04 -1.30 -4.95
HA BMT A 1 1.13 0.42 -1.31
HB BMT A 1 3.44 0.66 -1.73
HG1 BMT A 1 4.38 -1.01 -3.08
HG2 BMT A 1 2.32 -0.86 -0.20
HD11 BMT A 1 4.27 -2.21 0.31
HD12 BMT A 1 5.02 -1.72 -1.22
HD13 BMT A 1 4.57 -0.49 0.02
HD22 BMT A 1 1.19 -2.43 -1.69
HD23 BMT A 1 2.11 -3.11 -0.41
HE BMT A 1 3.08 -3.22 -3.35
HZ BMT A 1 3.48 -4.91 -0.82
HH1 BMT A 1 3.80 -6.50 -2.87
HH2 BMT A 1 4.38 -5.10 -3.80
HH3 BMT A 1 5.32 -5.70 -2.42
N ABA A 2 1.67 2.75 -1.66
CA ABA A 2 1.92 4.19 -1.75
C ABA A 2 3.29 4.57 -1.12
O ABA A 2 3.38 4.72 0.10
CB ABA A 2 0.73 4.99 -1.20
CG ABA A 2 -0.62 4.65 -1.86
H ABA A 2 1.57 2.34 -0.73
HA ABA A 2 1.96 4.47 -2.80
HB3 ABA A 2 0.93 6.05 -1.36
HB2 ABA A 2 0.66 4.85 -0.12
HG1 ABA A 2 -1.38 5.30 -1.44
HG3 ABA A 2 -0.55 4.79 -2.93
HG2 ABA A 2 -0.88 3.61 -1.63
N SAR A 3 4.43 4.75 -1.86
CA SAR A 3 5.76 5.01 -1.19
C SAR A 3 6.27 4.28 0.07
O SAR A 3 6.70 4.93 1.02
CN SAR A 3 4.51 4.54 -3.33
HA2 SAR A 3 5.71 6.05 -0.87
HA3 SAR A 3 6.58 4.96 -1.92
HN1 SAR A 3 3.74 5.12 -3.84
HN2 SAR A 3 4.36 3.49 -3.55
HN3 SAR A 3 5.48 4.85 -3.73
N MLE A 4 6.25 2.89 0.15
CN MLE A 4 5.52 2.18 -0.90
CA MLE A 4 6.41 2.11 1.41
CB MLE A 4 7.86 2.23 1.96
CG MLE A 4 8.96 1.82 0.95
CD1 MLE A 4 10.35 2.01 1.61
CD2 MLE A 4 8.83 0.38 0.45
C MLE A 4 5.27 2.21 2.46
O MLE A 4 5.51 2.03 3.67
HN1 MLE A 4 5.74 2.70 -1.83
HN2 MLE A 4 4.47 2.27 -0.64
HN3 MLE A 4 5.84 1.15 -1.04
HA MLE A 4 6.33 1.04 1.21
HB2 MLE A 4 7.94 1.58 2.82
HB3 MLE A 4 8.10 3.24 2.29
HG MLE A 4 8.91 2.49 0.10
HD11 MLE A 4 11.13 1.75 0.90
HD12 MLE A 4 10.42 1.34 2.48
HD13 MLE A 4 10.48 3.04 1.93
HD21 MLE A 4 9.67 0.13 -0.19
HD22 MLE A 4 7.92 0.26 -0.14
HD23 MLE A 4 8.82 -0.31 1.29
N VAL A 5 4.02 2.49 2.03
CA VAL A 5 2.80 2.37 2.78
C VAL A 5 1.92 1.31 2.11
N MLE A 6 1.37 0.24 2.79
CN MLE A 6 1.47 0.15 4.27
CA MLE A 6 0.28 -0.60 2.15
CB MLE A 6 0.20 -2.08 2.64
CG MLE A 6 1.35 -3.10 2.57
CD1 MLE A 6 2.78 -2.57 2.78
CD2 MLE A 6 1.10 -4.24 3.56
C MLE A 6 -1.15 -0.05 2.31
O MLE A 6 -1.67 -0.02 3.43
HN1 MLE A 6 1.18 -0.82 4.68
HN2 MLE A 6 0.84 0.93 4.72
HN3 MLE A 6 2.51 0.32 4.58
HA MLE A 6 0.49 -0.60 1.08
HB2 MLE A 6 -0.66 -2.57 2.17
HB3 MLE A 6 -0.09 -2.06 3.70
HG MLE A 6 1.28 -3.57 1.57
HD11 MLE A 6 2.96 -1.73 2.10
HD12 MLE A 6 3.51 -3.35 2.56
HD13 MLE A 6 2.90 -2.23 3.80
HD21 MLE A 6 1.85 -5.03 3.43
HD22 MLE A 6 0.12 -4.68 3.40
HD23 MLE A 6 1.17 -3.88 4.59
N ALA A 7 -1.82 0.40 1.24
CA ALA A 7 -3.15 1.02 1.33
C ALA A 7 -4.30 0.00 1.59
N DAL A 8 -3.98 -1.17 2.14
CA DAL A 8 -4.92 -2.27 2.43
CB DAL A 8 -5.12 -2.42 3.94
C DAL A 8 -4.55 -3.64 1.76
O DAL A 8 -3.38 -4.03 1.79
H DAL A 8 -3.01 -1.30 2.39
HA DAL A 8 -5.89 -1.98 2.03
HB1 DAL A 8 -5.97 -3.09 4.12
HB2 DAL A 8 -5.32 -1.45 4.38
HB3 DAL A 8 -4.25 -2.87 4.41
N MLE A 9 -5.51 -4.42 1.14
CN MLE A 9 -6.93 -4.04 0.98
CA MLE A 9 -5.24 -5.72 0.43
CB MLE A 9 -5.86 -6.89 1.26
CG MLE A 9 -4.91 -7.63 2.21
CD1 MLE A 9 -5.72 -8.60 3.09
CD2 MLE A 9 -3.82 -8.43 1.48
C MLE A 9 -5.57 -5.84 -1.10
O MLE A 9 -6.67 -6.24 -1.46
HN1 MLE A 9 -7.33 -3.71 1.94
HN2 MLE A 9 -7.52 -4.90 0.64
HN3 MLE A 9 -7.02 -3.23 0.26
HA MLE A 9 -4.15 -5.88 0.43
HB2 MLE A 9 -6.32 -7.61 0.58
HB3 MLE A 9 -6.68 -6.50 1.86
HG MLE A 9 -4.44 -6.91 2.89
HD11 MLE A 9 -6.25 -9.32 2.47
HD12 MLE A 9 -6.45 -8.05 3.68
HD13 MLE A 9 -5.05 -9.13 3.78
HD21 MLE A 9 -4.30 -9.12 0.78
HD22 MLE A 9 -3.22 -8.99 2.19
HD23 MLE A 9 -3.15 -7.76 0.94
N MLE A 10 -4.64 -5.49 -2.07
CN MLE A 10 -4.92 -5.58 -3.53
CA MLE A 10 -3.26 -4.97 -1.81
CB MLE A 10 -2.32 -6.21 -1.70
CG MLE A 10 -1.04 -6.20 -0.82
CD1 MLE A 10 0.01 -7.16 -1.42
CD2 MLE A 10 -0.40 -4.81 -0.66
C MLE A 10 -2.62 -3.84 -2.69
O MLE A 10 -2.04 -4.13 -3.74
HN1 MLE A 10 -5.21 -4.60 -3.90
HN2 MLE A 10 -5.72 -6.29 -3.72
HN3 MLE A 10 -4.03 -5.93 -4.07
HA MLE A 10 -3.32 -4.49 -0.83
HB2 MLE A 10 -2.03 -6.43 -2.72
HB3 MLE A 10 -2.88 -7.10 -1.41
HG MLE A 10 -1.24 -6.59 0.18
HD11 MLE A 10 0.87 -7.22 -0.76
HD12 MLE A 10 0.33 -6.80 -2.39
HD13 MLE A 10 -0.43 -8.15 -1.52
HD21 MLE A 10 0.51 -4.92 -0.07
HD22 MLE A 10 -1.08 -4.15 -0.12
HD23 MLE A 10 -0.15 -4.40 -1.63
N MVA A 11 -2.69 -2.49 -2.32
CN MVA A 11 -3.31 -2.02 -1.05
CA MVA A 11 -2.04 -1.37 -3.10
CB MVA A 11 -3.09 -0.36 -3.65
CG1 MVA A 11 -2.57 0.33 -4.92
CG2 MVA A 11 -4.47 -0.95 -3.94
C MVA A 11 -0.88 -0.55 -2.49
O MVA A 11 -1.11 0.08 -1.45
HN1 MVA A 11 -3.49 -0.95 -1.06
HN2 MVA A 11 -4.28 -2.51 -0.90
HN3 MVA A 11 -2.66 -2.26 -0.21
HA MVA A 11 -1.64 -1.84 -4.00
HB MVA A 11 -3.22 0.43 -2.89
HG11 MVA A 11 -3.28 1.08 -5.26
HG12 MVA A 11 -1.61 0.84 -4.72
HG13 MVA A 11 -2.42 -0.41 -5.70
HG21 MVA A 11 -4.38 -1.82 -4.59
HG22 MVA A 11 -4.95 -1.24 -2.99
HG23 MVA A 11 -5.10 -0.20 -4.41
#